data_6UK2
#
_entry.id   6UK2
#
_cell.length_a   64.357
_cell.length_b   85.932
_cell.length_c   240.728
_cell.angle_alpha   90.000
_cell.angle_beta   90.000
_cell.angle_gamma   90.000
#
_symmetry.space_group_name_H-M   'P 21 21 21'
#
loop_
_entity.id
_entity.type
_entity.pdbx_description
1 polymer 'MHC class I antigen'
2 polymer Beta-2-microglobulin
3 polymer 'Protein-cysteine N-palmitoyltransferase HHAT'
4 polymer '302 TIL T cell receptor alpha chain'
5 polymer '302 TIL T cell receptor beta chain'
#
loop_
_entity_poly.entity_id
_entity_poly.type
_entity_poly.pdbx_seq_one_letter_code
_entity_poly.pdbx_strand_id
1 'polypeptide(L)'
;MGSHSMRYFYTSVSRPGRGEPRFIAVGYVDDTQFVRFDSDAASQRMEPRAPWIEQEGPEYWDGETRKVKAHSQTHRVDLG
TLRGYYNQSEAGSHTVQRMYGCDVGSDWRFLRGYHQYAYDGKDYIALKEDLRSWTAADMAAQTTKHKWEAAHVAEQLRAY
LEGTCVEWLRRYLENGKETLQRTDAPKTHMTHHAVSDHEATLRCWALSFYPAEITLTWQRDGEDQTQDTELVETRPAGDG
TFQKWAAVVVPSGQEQRYTCHVQHEGLPKPLTLRWE
;
A
2 'polypeptide(L)'
;MIQRTPKIQVYSRHPAENGKSNFLNCYVSGFHPSDIEVDLLKNGERIEKVEHSDLSFSKDWSFYLLYYTEFTPTEKDEYA
CRVNHVTLSQPKIVKWDRDM
;
B
3 'polypeptide(L)' KQWLVWLLL C
4 'polypeptide(L)'
;MAQTVTQSQPEMSVQEAETVTLSCTYDTSESDYYLFWYKQPPSRQMILVIRQEAYKQQNATENRFSVNFQKAAKSFSLKI
SDSQLGDAAMYFCAFMDSNYQLIWGAGTKLIIKPNIQNPDPAVYQLRDSKSSDKSVCLFTDFDSQTNVSQSKDSDVYITD
KCVLDMRSMDFKSNSAVAWSNKSDFACANAFNNSIIPEDTFFPSPESS
;
D
5 'polypeptide(L)'
;MDAGVIQSPRHEVTEMGQEVTLRCKPISGHNSLFWYRQTMMRGLELLIYFNNNVPIDDSGMPEDRFSAKMPNASFSTLKI
QPSEPRDSAVYFCASSRTSPTDTQYFGPGTRLTVLEDLKNVFPPEVAVFEPSEAEISHTQKATLVCLATGFYPDHVELSW
WVNGKEVHSGVCTDPQPLKEQPALNDSRYALSSRLRVSATFWQDPRNHFRCQVQFYGLSENDEWTQDRAKPVTQIVSAEA
WGRAD
;
E
#
# COMPACT_ATOMS: atom_id res chain seq x y z
N GLY A 2 43.37 18.36 12.74
CA GLY A 2 42.21 19.24 13.10
C GLY A 2 41.72 19.01 14.52
N SER A 3 40.41 18.97 14.69
CA SER A 3 39.79 18.78 15.99
C SER A 3 39.38 17.32 16.17
N HIS A 4 39.62 16.80 17.38
CA HIS A 4 39.33 15.41 17.70
C HIS A 4 38.40 15.34 18.90
N SER A 5 37.81 14.17 19.10
CA SER A 5 36.83 14.00 20.16
C SER A 5 36.81 12.56 20.65
N MET A 6 36.63 12.39 21.96
CA MET A 6 36.37 11.09 22.56
C MET A 6 34.98 11.12 23.18
N ARG A 7 34.11 10.22 22.75
CA ARG A 7 32.73 10.20 23.28
C ARG A 7 32.37 8.78 23.72
N TYR A 8 31.72 8.64 24.87
CA TYR A 8 31.23 7.39 25.42
C TYR A 8 29.70 7.36 25.36
N PHE A 9 29.16 6.22 24.94
CA PHE A 9 27.73 6.01 24.78
C PHE A 9 27.29 4.82 25.64
N TYR A 10 26.21 5.01 26.39
CA TYR A 10 25.63 3.97 27.23
C TYR A 10 24.13 3.86 26.94
N THR A 11 23.65 2.63 26.82
CA THR A 11 22.24 2.36 26.54
C THR A 11 21.79 1.23 27.46
N SER A 12 20.74 1.48 28.24
CA SER A 12 20.18 0.47 29.13
C SER A 12 18.68 0.38 28.90
N VAL A 13 18.19 -0.83 28.64
CA VAL A 13 16.79 -1.08 28.33
C VAL A 13 16.24 -2.07 29.33
N SER A 14 15.14 -1.69 29.99
CA SER A 14 14.47 -2.54 31.01
C SER A 14 13.52 -3.55 30.34
N ARG A 15 13.51 -4.79 30.83
CA ARG A 15 12.64 -5.84 30.33
C ARG A 15 11.94 -6.61 31.45
N PRO A 16 10.83 -6.09 31.99
CA PRO A 16 10.12 -6.81 33.05
C PRO A 16 9.77 -8.22 32.61
N GLY A 17 10.13 -9.19 33.45
CA GLY A 17 10.04 -10.61 33.12
C GLY A 17 11.38 -11.31 33.00
N ARG A 18 12.43 -10.55 32.70
CA ARG A 18 13.80 -11.06 32.70
C ARG A 18 14.63 -10.30 33.73
N GLY A 19 14.00 -9.47 34.56
CA GLY A 19 14.69 -8.78 35.62
C GLY A 19 15.76 -7.82 35.14
N GLU A 20 17.02 -8.25 35.23
CA GLU A 20 18.14 -7.37 34.95
C GLU A 20 18.02 -6.77 33.56
N PRO A 21 18.03 -5.44 33.40
CA PRO A 21 17.97 -4.83 32.07
C PRO A 21 19.15 -5.27 31.22
N ARG A 22 19.07 -4.97 29.93
CA ARG A 22 20.18 -5.17 29.01
C ARG A 22 20.94 -3.86 28.87
N PHE A 23 22.26 -3.94 29.00
CA PHE A 23 23.12 -2.76 29.06
C PHE A 23 24.24 -2.92 28.05
N ILE A 24 24.30 -2.01 27.09
CA ILE A 24 25.35 -1.99 26.07
C ILE A 24 26.03 -0.63 26.13
N ALA A 25 27.36 -0.64 26.05
CA ALA A 25 28.12 0.60 26.06
C ALA A 25 29.22 0.52 25.01
N VAL A 26 29.43 1.63 24.30
CA VAL A 26 30.46 1.70 23.28
C VAL A 26 31.28 2.96 23.49
N GLY A 27 32.51 2.91 23.01
CA GLY A 27 33.42 4.05 23.07
C GLY A 27 33.92 4.40 21.69
N TYR A 28 33.95 5.70 21.38
CA TYR A 28 34.39 6.21 20.09
C TYR A 28 35.48 7.24 20.29
N VAL A 29 36.49 7.19 19.43
CA VAL A 29 37.43 8.29 19.22
C VAL A 29 37.17 8.82 17.82
N ASP A 30 36.80 10.09 17.73
CA ASP A 30 36.31 10.63 16.47
C ASP A 30 35.20 9.70 15.98
N ASP A 31 35.32 9.19 14.75
CA ASP A 31 34.32 8.30 14.18
C ASP A 31 34.77 6.84 14.14
N THR A 32 35.59 6.44 15.11
CA THR A 32 36.13 5.09 15.17
C THR A 32 35.83 4.49 16.53
N GLN A 33 35.02 3.42 16.53
CA GLN A 33 34.75 2.68 17.76
C GLN A 33 35.98 1.91 18.19
N PHE A 34 36.26 1.91 19.49
CA PHE A 34 37.45 1.23 20.00
C PHE A 34 37.23 0.38 21.24
N VAL A 35 36.04 0.39 21.85
CA VAL A 35 35.74 -0.46 23.00
C VAL A 35 34.26 -0.82 22.95
N ARG A 36 33.86 -1.76 23.80
CA ARG A 36 32.49 -2.27 23.82
C ARG A 36 32.28 -3.02 25.13
N PHE A 37 31.02 -3.12 25.53
CA PHE A 37 30.63 -3.99 26.63
C PHE A 37 29.17 -4.37 26.45
N ASP A 38 28.90 -5.68 26.44
CA ASP A 38 27.55 -6.20 26.29
C ASP A 38 27.18 -6.98 27.55
N SER A 39 26.06 -6.60 28.16
CA SER A 39 25.64 -7.23 29.41
C SER A 39 25.44 -8.73 29.24
N ASP A 40 24.66 -9.13 28.23
CA ASP A 40 24.34 -10.53 28.02
C ASP A 40 25.47 -11.31 27.36
N ALA A 41 26.66 -10.74 27.25
CA ALA A 41 27.80 -11.46 26.71
C ALA A 41 28.47 -12.29 27.81
N ALA A 42 28.88 -13.51 27.45
CA ALA A 42 29.55 -14.36 28.43
C ALA A 42 30.86 -13.75 28.90
N SER A 43 31.48 -12.91 28.07
CA SER A 43 32.75 -12.28 28.44
C SER A 43 32.62 -11.55 29.78
N GLN A 44 31.62 -10.67 29.89
CA GLN A 44 31.45 -9.84 31.08
C GLN A 44 32.68 -8.96 31.31
N ARG A 45 33.28 -8.48 30.22
CA ARG A 45 34.46 -7.62 30.30
C ARG A 45 34.42 -6.62 29.16
N MET A 46 35.14 -5.52 29.36
CA MET A 46 35.29 -4.51 28.33
C MET A 46 36.20 -5.05 27.23
N GLU A 47 35.64 -5.33 26.06
CA GLU A 47 36.39 -5.93 24.97
C GLU A 47 36.88 -4.84 24.01
N PRO A 48 38.00 -5.06 23.33
CA PRO A 48 38.47 -4.09 22.34
C PRO A 48 37.76 -4.25 21.00
N ARG A 49 37.62 -3.12 20.30
CA ARG A 49 37.07 -3.12 18.96
C ARG A 49 37.99 -2.45 17.94
N ALA A 50 39.10 -1.87 18.37
CA ALA A 50 40.11 -1.35 17.49
C ALA A 50 41.42 -2.09 17.73
N PRO A 51 42.35 -2.07 16.77
CA PRO A 51 43.63 -2.75 16.98
C PRO A 51 44.65 -1.94 17.76
N TRP A 52 44.52 -0.61 17.79
CA TRP A 52 45.49 0.23 18.49
C TRP A 52 45.25 0.31 19.99
N ILE A 53 44.17 -0.28 20.49
CA ILE A 53 43.90 -0.26 21.92
C ILE A 53 44.39 -1.52 22.63
N GLU A 54 44.61 -2.62 21.90
CA GLU A 54 45.09 -3.84 22.52
C GLU A 54 46.47 -3.67 23.16
N GLN A 55 47.22 -2.64 22.75
CA GLN A 55 48.52 -2.38 23.35
C GLN A 55 48.42 -2.21 24.86
N GLU A 56 47.30 -1.70 25.34
CA GLU A 56 47.13 -1.46 26.78
C GLU A 56 47.18 -2.78 27.54
N GLY A 57 47.75 -2.74 28.74
CA GLY A 57 47.92 -3.92 29.54
C GLY A 57 46.61 -4.39 30.14
N PRO A 58 46.68 -5.49 30.90
CA PRO A 58 45.45 -6.01 31.51
C PRO A 58 44.89 -5.14 32.63
N GLU A 59 45.75 -4.37 33.30
CA GLU A 59 45.27 -3.47 34.35
C GLU A 59 44.28 -2.46 33.79
N TYR A 60 44.62 -1.84 32.66
CA TYR A 60 43.72 -0.90 32.00
C TYR A 60 42.35 -1.53 31.79
N TRP A 61 42.32 -2.76 31.25
CA TRP A 61 41.05 -3.41 30.97
C TRP A 61 40.29 -3.73 32.26
N ASP A 62 41.00 -4.10 33.32
CA ASP A 62 40.34 -4.34 34.59
C ASP A 62 39.66 -3.07 35.11
N GLY A 63 40.40 -1.96 35.10
CA GLY A 63 39.81 -0.70 35.55
C GLY A 63 38.60 -0.30 34.73
N GLU A 64 38.73 -0.35 33.40
CA GLU A 64 37.61 0.02 32.54
C GLU A 64 36.41 -0.88 32.78
N THR A 65 36.66 -2.17 33.03
CA THR A 65 35.55 -3.10 33.27
C THR A 65 34.84 -2.75 34.57
N ARG A 66 35.59 -2.53 35.65
CA ARG A 66 34.97 -2.11 36.90
C ARG A 66 34.12 -0.86 36.69
N LYS A 67 34.68 0.14 36.00
CA LYS A 67 33.95 1.38 35.77
C LYS A 67 32.65 1.12 35.03
N VAL A 68 32.72 0.40 33.91
CA VAL A 68 31.52 0.22 33.09
C VAL A 68 30.47 -0.58 33.85
N LYS A 69 30.90 -1.54 34.67
CA LYS A 69 29.93 -2.28 35.48
C LYS A 69 29.25 -1.37 36.49
N ALA A 70 30.02 -0.47 37.11
CA ALA A 70 29.42 0.55 37.97
C ALA A 70 28.37 1.35 37.22
N HIS A 71 28.72 1.83 36.02
CA HIS A 71 27.77 2.59 35.23
C HIS A 71 26.52 1.78 34.91
N SER A 72 26.68 0.48 34.69
CA SER A 72 25.53 -0.39 34.48
C SER A 72 24.62 -0.41 35.71
N GLN A 73 25.22 -0.54 36.90
CA GLN A 73 24.42 -0.50 38.12
C GLN A 73 23.64 0.81 38.24
N THR A 74 24.35 1.94 38.14
CA THR A 74 23.67 3.22 38.29
C THR A 74 22.56 3.39 37.24
N HIS A 75 22.73 2.81 36.05
CA HIS A 75 21.63 2.81 35.09
C HIS A 75 20.46 1.96 35.59
N ARG A 76 20.74 0.77 36.12
CA ARG A 76 19.68 -0.08 36.65
C ARG A 76 18.90 0.62 37.76
N VAL A 77 19.54 1.53 38.48
CA VAL A 77 18.79 2.33 39.45
C VAL A 77 18.03 3.45 38.75
N ASP A 78 18.64 4.09 37.77
CA ASP A 78 18.00 5.22 37.09
C ASP A 78 16.69 4.80 36.44
N LEU A 79 16.64 3.59 35.88
CA LEU A 79 15.41 3.11 35.26
C LEU A 79 14.24 3.16 36.24
N GLY A 80 14.39 2.48 37.37
CA GLY A 80 13.33 2.51 38.38
C GLY A 80 13.03 3.91 38.88
N THR A 81 14.08 4.71 39.10
CA THR A 81 13.87 6.07 39.58
C THR A 81 12.98 6.85 38.63
N LEU A 82 13.27 6.80 37.33
CA LEU A 82 12.45 7.53 36.37
C LEU A 82 11.06 6.93 36.26
N ARG A 83 10.94 5.60 36.34
CA ARG A 83 9.63 4.99 36.43
C ARG A 83 8.81 5.62 37.54
N GLY A 84 9.45 5.90 38.67
CA GLY A 84 8.74 6.57 39.75
C GLY A 84 8.43 8.02 39.42
N TYR A 85 9.39 8.73 38.81
CA TYR A 85 9.19 10.15 38.52
C TYR A 85 8.00 10.36 37.58
N TYR A 86 8.00 9.68 36.44
CA TYR A 86 6.90 9.81 35.50
C TYR A 86 5.68 8.96 35.88
N ASN A 87 5.71 8.32 37.05
CA ASN A 87 4.60 7.49 37.51
C ASN A 87 4.09 6.41 36.54
N GLN A 88 5.03 5.59 36.07
CA GLN A 88 4.75 4.56 35.10
C GLN A 88 4.73 3.16 35.71
N SER A 89 4.08 2.24 35.02
CA SER A 89 3.86 0.90 35.55
C SER A 89 5.09 0.02 35.35
N GLU A 90 5.22 -0.98 36.20
CA GLU A 90 6.30 -1.95 36.10
C GLU A 90 6.16 -2.86 34.88
N ALA A 91 4.98 -2.89 34.26
CA ALA A 91 4.73 -3.73 33.09
C ALA A 91 5.19 -3.12 31.76
N GLY A 92 5.92 -2.01 31.81
CA GLY A 92 6.38 -1.35 30.60
C GLY A 92 7.87 -1.25 30.40
N SER A 93 8.33 -1.49 29.17
CA SER A 93 9.74 -1.38 28.85
C SER A 93 10.11 0.07 28.61
N HIS A 94 11.33 0.43 29.01
CA HIS A 94 11.80 1.83 28.85
C HIS A 94 13.30 1.86 28.58
N THR A 95 13.79 2.94 28.00
CA THR A 95 15.22 2.99 27.64
C THR A 95 15.90 4.20 28.25
N VAL A 96 17.08 4.02 28.83
CA VAL A 96 17.86 5.13 29.43
C VAL A 96 19.11 5.26 28.61
N GLN A 97 19.42 6.46 28.10
CA GLN A 97 20.62 6.65 27.24
C GLN A 97 21.50 7.76 27.83
N ARG A 98 22.83 7.53 27.85
CA ARG A 98 23.75 8.52 28.39
C ARG A 98 24.90 8.69 27.40
N MET A 99 25.31 9.94 27.19
CA MET A 99 26.40 10.22 26.27
C MET A 99 27.27 11.30 26.89
N TYR A 100 28.59 11.09 26.90
CA TYR A 100 29.45 12.14 27.43
C TYR A 100 30.87 11.96 26.90
N GLY A 101 31.54 13.09 26.73
CA GLY A 101 32.89 13.05 26.19
C GLY A 101 33.51 14.43 26.17
N CYS A 102 34.64 14.52 25.46
CA CYS A 102 35.43 15.75 25.42
C CYS A 102 36.02 15.92 24.03
N ASP A 103 36.27 17.17 23.66
CA ASP A 103 36.87 17.53 22.38
C ASP A 103 38.15 18.32 22.59
N VAL A 104 39.02 18.28 21.59
CA VAL A 104 40.26 19.03 21.60
C VAL A 104 40.50 19.62 20.21
N GLY A 105 41.13 20.79 20.18
CA GLY A 105 41.46 21.45 18.94
C GLY A 105 42.76 20.95 18.35
N SER A 106 43.23 21.66 17.33
CA SER A 106 44.47 21.28 16.68
C SER A 106 45.67 21.40 17.63
N ASP A 107 45.58 22.28 18.63
CA ASP A 107 46.63 22.40 19.63
C ASP A 107 46.56 21.31 20.69
N TRP A 108 45.62 20.36 20.57
CA TRP A 108 45.47 19.28 21.52
C TRP A 108 45.26 19.81 22.94
N ARG A 109 44.36 20.79 23.05
CA ARG A 109 43.93 21.33 24.34
C ARG A 109 42.42 21.21 24.44
N PHE A 110 41.90 21.45 25.65
CA PHE A 110 40.48 21.32 25.89
C PHE A 110 39.66 22.44 25.27
N LEU A 111 38.77 22.07 24.34
CA LEU A 111 37.81 23.00 23.75
C LEU A 111 36.39 22.86 24.27
N ARG A 112 35.85 21.65 24.26
CA ARG A 112 34.47 21.42 24.68
C ARG A 112 34.38 20.11 25.46
N GLY A 113 33.28 19.98 26.19
CA GLY A 113 32.97 18.75 26.89
C GLY A 113 31.47 18.65 27.11
N TYR A 114 30.93 17.46 26.93
CA TYR A 114 29.46 17.29 27.04
C TYR A 114 29.08 16.06 27.84
N HIS A 115 27.88 16.07 28.42
CA HIS A 115 27.34 14.98 29.23
C HIS A 115 25.84 15.16 29.29
N GLN A 116 25.08 14.12 28.90
CA GLN A 116 23.65 14.27 28.73
C GLN A 116 22.95 12.93 28.83
N TYR A 117 21.78 12.95 29.48
CA TYR A 117 20.92 11.81 29.72
C TYR A 117 19.61 11.99 28.99
N ALA A 118 19.08 10.89 28.42
CA ALA A 118 17.81 10.88 27.72
C ALA A 118 17.00 9.66 28.12
N TYR A 119 15.68 9.84 28.22
CA TYR A 119 14.78 8.78 28.63
C TYR A 119 13.78 8.54 27.51
N ASP A 120 13.90 7.38 26.85
CA ASP A 120 13.00 7.00 25.76
C ASP A 120 13.10 7.98 24.58
N GLY A 121 14.32 8.32 24.21
CA GLY A 121 14.58 9.12 23.04
C GLY A 121 14.41 10.61 23.20
N LYS A 122 13.78 11.07 24.28
CA LYS A 122 13.63 12.49 24.53
C LYS A 122 14.72 12.96 25.49
N ASP A 123 15.21 14.17 25.28
CA ASP A 123 16.24 14.71 26.13
C ASP A 123 15.74 14.81 27.57
N TYR A 124 16.51 14.26 28.51
CA TYR A 124 16.17 14.34 29.93
C TYR A 124 16.91 15.45 30.68
N ILE A 125 18.24 15.47 30.59
CA ILE A 125 19.02 16.49 31.29
C ILE A 125 20.38 16.57 30.62
N ALA A 126 20.83 17.79 30.34
CA ALA A 126 22.08 18.00 29.64
C ALA A 126 22.98 18.92 30.44
N LEU A 127 24.26 18.91 30.09
CA LEU A 127 25.24 19.84 30.64
C LEU A 127 25.51 20.93 29.61
N LYS A 128 25.17 22.17 29.94
CA LYS A 128 25.48 23.27 29.04
C LYS A 128 26.97 23.32 28.76
N GLU A 129 27.34 24.07 27.72
CA GLU A 129 28.74 24.11 27.29
C GLU A 129 29.64 24.91 28.22
N ASP A 130 29.09 25.53 29.27
CA ASP A 130 29.91 26.19 30.28
C ASP A 130 30.37 25.24 31.38
N LEU A 131 29.77 24.04 31.47
CA LEU A 131 30.21 23.00 32.40
C LEU A 131 29.93 23.34 33.86
N ARG A 132 29.07 24.31 34.10
CA ARG A 132 28.70 24.68 35.47
C ARG A 132 27.22 24.54 35.81
N SER A 133 26.32 24.78 34.85
CA SER A 133 24.89 24.68 35.07
C SER A 133 24.32 23.59 34.18
N TRP A 134 23.07 23.22 34.45
CA TRP A 134 22.42 22.11 33.78
C TRP A 134 21.18 22.60 33.02
N THR A 135 20.81 21.84 32.00
CA THR A 135 19.58 22.05 31.24
C THR A 135 18.60 20.94 31.61
N ALA A 136 17.48 21.34 32.21
CA ALA A 136 16.44 20.42 32.65
C ALA A 136 15.21 20.59 31.77
N ALA A 137 14.77 19.49 31.14
CA ALA A 137 13.61 19.44 30.21
C ALA A 137 12.17 19.54 30.76
N ASP A 138 11.83 18.81 31.84
CA ASP A 138 10.47 18.66 32.34
C ASP A 138 10.61 18.72 33.85
N MET A 139 9.49 18.56 34.55
CA MET A 139 9.49 18.65 36.02
C MET A 139 10.31 17.53 36.64
N ALA A 140 10.23 16.32 36.06
CA ALA A 140 10.99 15.20 36.62
C ALA A 140 12.49 15.51 36.63
N ALA A 141 13.00 16.08 35.55
CA ALA A 141 14.42 16.41 35.47
C ALA A 141 14.80 17.54 36.42
N GLN A 142 13.84 18.35 36.87
CA GLN A 142 14.14 19.38 37.85
C GLN A 142 14.67 18.78 39.14
N THR A 143 14.07 17.67 39.59
CA THR A 143 14.54 17.00 40.80
C THR A 143 15.99 16.56 40.64
N THR A 144 16.30 15.87 39.55
CA THR A 144 17.68 15.47 39.28
C THR A 144 18.60 16.68 39.27
N LYS A 145 18.21 17.74 38.56
CA LYS A 145 19.00 18.95 38.52
C LYS A 145 19.33 19.46 39.92
N HIS A 146 18.33 19.47 40.81
CA HIS A 146 18.58 19.90 42.18
C HIS A 146 19.56 18.96 42.88
N LYS A 147 19.28 17.65 42.84
CA LYS A 147 20.16 16.67 43.47
C LYS A 147 21.61 16.88 43.05
N TRP A 148 21.85 17.10 41.76
CA TRP A 148 23.21 17.27 41.27
C TRP A 148 23.79 18.61 41.70
N GLU A 149 22.97 19.66 41.71
CA GLU A 149 23.41 20.94 42.23
C GLU A 149 23.80 20.85 43.70
N ALA A 150 23.29 19.84 44.42
CA ALA A 150 23.61 19.70 45.84
C ALA A 150 25.00 19.11 46.04
N ALA A 151 25.32 18.04 45.31
CA ALA A 151 26.59 17.34 45.49
C ALA A 151 27.72 17.92 44.64
N HIS A 152 27.54 19.11 44.08
CA HIS A 152 28.58 19.76 43.28
C HIS A 152 29.08 18.83 42.17
N VAL A 153 28.13 18.16 41.49
CA VAL A 153 28.50 17.26 40.41
C VAL A 153 29.15 18.03 39.26
N ALA A 154 28.77 19.29 39.08
CA ALA A 154 29.29 20.08 37.97
C ALA A 154 30.82 20.21 38.07
N GLU A 155 31.32 20.65 39.23
CA GLU A 155 32.75 20.85 39.37
C GLU A 155 33.53 19.56 39.18
N GLN A 156 33.01 18.46 39.72
CA GLN A 156 33.68 17.16 39.56
C GLN A 156 33.73 16.75 38.10
N LEU A 157 32.57 16.74 37.44
CA LEU A 157 32.52 16.34 36.04
C LEU A 157 33.43 17.22 35.19
N ARG A 158 33.49 18.51 35.49
CA ARG A 158 34.39 19.41 34.78
C ARG A 158 35.85 19.04 35.03
N ALA A 159 36.18 18.69 36.28
CA ALA A 159 37.54 18.27 36.58
C ALA A 159 37.92 17.03 35.80
N TYR A 160 36.97 16.13 35.57
CA TYR A 160 37.26 14.95 34.76
C TYR A 160 37.42 15.31 33.29
N LEU A 161 36.47 16.06 32.75
CA LEU A 161 36.48 16.36 31.31
C LEU A 161 37.73 17.15 30.93
N GLU A 162 38.11 18.13 31.74
CA GLU A 162 39.29 18.95 31.45
C GLU A 162 40.60 18.27 31.83
N GLY A 163 40.54 17.09 32.44
CA GLY A 163 41.75 16.41 32.86
C GLY A 163 41.95 15.06 32.22
N THR A 164 41.45 14.00 32.88
CA THR A 164 41.66 12.65 32.40
C THR A 164 41.16 12.48 30.98
N CYS A 165 39.92 12.93 30.71
CA CYS A 165 39.30 12.72 29.41
C CYS A 165 40.24 13.15 28.28
N VAL A 166 40.61 14.43 28.27
CA VAL A 166 41.45 14.94 27.18
C VAL A 166 42.79 14.22 27.16
N GLU A 167 43.39 14.01 28.33
CA GLU A 167 44.70 13.36 28.38
C GLU A 167 44.68 12.02 27.66
N TRP A 168 43.78 11.13 28.07
CA TRP A 168 43.75 9.81 27.45
C TRP A 168 43.17 9.84 26.05
N LEU A 169 42.48 10.91 25.66
CA LEU A 169 42.19 11.13 24.26
C LEU A 169 43.48 11.34 23.47
N ARG A 170 44.37 12.19 24.00
CA ARG A 170 45.68 12.38 23.36
C ARG A 170 46.42 11.05 23.28
N ARG A 171 46.45 10.30 24.38
CA ARG A 171 47.12 9.01 24.38
C ARG A 171 46.55 8.10 23.29
N TYR A 172 45.23 8.04 23.18
CA TYR A 172 44.63 7.18 22.16
C TYR A 172 45.00 7.65 20.76
N LEU A 173 44.99 8.97 20.53
CA LEU A 173 45.36 9.47 19.21
C LEU A 173 46.78 9.09 18.85
N GLU A 174 47.73 9.32 19.75
CA GLU A 174 49.12 9.04 19.45
C GLU A 174 49.47 7.54 19.51
N ASN A 175 48.58 6.71 20.07
CA ASN A 175 48.77 5.27 19.99
C ASN A 175 48.29 4.73 18.64
N GLY A 176 47.02 4.98 18.31
CA GLY A 176 46.49 4.62 17.02
C GLY A 176 46.70 5.67 15.95
N LYS A 177 47.80 6.41 16.06
CA LYS A 177 48.05 7.52 15.13
C LYS A 177 47.80 7.16 13.67
N GLU A 178 48.23 5.97 13.24
CA GLU A 178 48.22 5.64 11.83
C GLU A 178 46.82 5.59 11.23
N THR A 179 45.79 5.43 12.06
CA THR A 179 44.41 5.38 11.60
C THR A 179 43.59 6.57 12.05
N LEU A 180 43.64 6.91 13.35
CA LEU A 180 42.84 8.03 13.85
C LEU A 180 43.29 9.35 13.23
N GLN A 181 44.59 9.58 13.13
CA GLN A 181 45.12 10.81 12.53
C GLN A 181 45.29 10.59 11.03
N ARG A 182 44.17 10.69 10.31
CA ARG A 182 44.21 10.55 8.86
C ARG A 182 43.02 11.29 8.27
N THR A 183 43.14 11.61 6.99
CA THR A 183 42.08 12.28 6.24
C THR A 183 42.02 11.66 4.85
N ASP A 184 41.13 10.69 4.67
CA ASP A 184 40.95 10.01 3.39
C ASP A 184 39.96 10.81 2.55
N ALA A 185 40.45 11.41 1.47
CA ALA A 185 39.59 12.20 0.60
C ALA A 185 38.59 11.30 -0.12
N PRO A 186 37.42 11.81 -0.47
CA PRO A 186 36.41 10.99 -1.13
C PRO A 186 36.80 10.68 -2.56
N LYS A 187 36.25 9.57 -3.06
CA LYS A 187 36.42 9.15 -4.46
C LYS A 187 35.07 9.35 -5.14
N THR A 188 34.89 10.53 -5.74
CA THR A 188 33.61 10.94 -6.28
C THR A 188 33.44 10.45 -7.72
N HIS A 189 32.19 10.15 -8.08
CA HIS A 189 31.80 9.95 -9.46
C HIS A 189 30.34 10.31 -9.60
N MET A 190 29.80 10.18 -10.81
CA MET A 190 28.45 10.64 -11.10
C MET A 190 27.78 9.69 -12.07
N THR A 191 26.52 9.33 -11.78
CA THR A 191 25.71 8.51 -12.66
C THR A 191 24.48 9.28 -13.12
N HIS A 192 23.94 8.87 -14.25
CA HIS A 192 22.85 9.57 -14.92
C HIS A 192 21.86 8.54 -15.44
N HIS A 193 20.72 8.41 -14.78
CA HIS A 193 19.71 7.41 -15.12
C HIS A 193 18.46 8.09 -15.64
N ALA A 194 17.99 7.66 -16.82
CA ALA A 194 16.82 8.26 -17.46
C ALA A 194 15.57 7.73 -16.77
N VAL A 195 15.07 8.48 -15.79
CA VAL A 195 13.85 8.08 -15.09
C VAL A 195 12.69 7.98 -16.07
N SER A 196 12.68 8.82 -17.10
CA SER A 196 11.62 8.82 -18.11
C SER A 196 12.17 9.50 -19.36
N ASP A 197 11.32 9.67 -20.37
CA ASP A 197 11.76 10.33 -21.60
C ASP A 197 11.94 11.84 -21.45
N HIS A 198 11.17 12.48 -20.56
CA HIS A 198 11.25 13.92 -20.36
C HIS A 198 11.76 14.27 -18.96
N GLU A 199 12.56 13.39 -18.37
CA GLU A 199 13.18 13.64 -17.07
C GLU A 199 14.43 12.79 -16.96
N ALA A 200 15.14 12.94 -15.85
CA ALA A 200 16.36 12.18 -15.59
C ALA A 200 16.70 12.35 -14.11
N THR A 201 17.62 11.51 -13.65
CA THR A 201 18.14 11.58 -12.28
C THR A 201 19.66 11.59 -12.35
N LEU A 202 20.27 12.61 -11.76
CA LEU A 202 21.72 12.70 -11.62
C LEU A 202 22.09 12.36 -10.18
N ARG A 203 22.82 11.25 -10.01
CA ARG A 203 23.25 10.81 -8.69
C ARG A 203 24.74 11.08 -8.54
N CYS A 204 25.10 11.74 -7.44
CA CYS A 204 26.47 12.14 -7.15
C CYS A 204 27.00 11.26 -6.04
N TRP A 205 27.90 10.34 -6.40
CA TRP A 205 28.51 9.41 -5.45
C TRP A 205 29.79 9.99 -4.88
N ALA A 206 29.95 9.88 -3.56
CA ALA A 206 31.18 10.23 -2.87
C ALA A 206 31.41 9.16 -1.80
N LEU A 207 32.37 8.27 -2.05
CA LEU A 207 32.58 7.09 -1.16
C LEU A 207 34.07 6.89 -0.84
N SER A 208 34.32 6.14 0.23
CA SER A 208 35.66 5.85 0.74
C SER A 208 36.40 7.05 1.33
N PHE A 209 35.82 7.67 2.36
CA PHE A 209 36.41 8.86 2.96
C PHE A 209 36.30 8.79 4.49
N TYR A 210 37.28 9.39 5.15
CA TYR A 210 37.34 9.49 6.60
C TYR A 210 37.98 10.85 6.92
N PRO A 211 37.49 11.57 7.93
CA PRO A 211 36.37 11.24 8.82
C PRO A 211 35.01 11.33 8.13
N ALA A 212 33.94 11.10 8.89
CA ALA A 212 32.60 11.05 8.29
C ALA A 212 32.10 12.45 7.94
N GLU A 213 32.60 13.48 8.62
CA GLU A 213 32.16 14.84 8.35
C GLU A 213 32.39 15.13 6.87
N ILE A 214 31.30 15.41 6.14
CA ILE A 214 31.37 15.66 4.71
C ILE A 214 30.17 16.51 4.33
N THR A 215 30.35 17.36 3.31
CA THR A 215 29.26 18.14 2.75
C THR A 215 29.09 17.83 1.28
N LEU A 216 27.85 17.59 0.87
CA LEU A 216 27.56 17.11 -0.48
C LEU A 216 26.24 17.72 -0.93
N THR A 217 26.31 18.73 -1.81
CA THR A 217 25.13 19.48 -2.22
C THR A 217 25.01 19.50 -3.74
N TRP A 218 23.83 19.88 -4.21
CA TRP A 218 23.56 20.08 -5.63
C TRP A 218 23.16 21.53 -5.87
N GLN A 219 23.61 22.09 -6.99
CA GLN A 219 23.27 23.45 -7.38
C GLN A 219 22.74 23.45 -8.81
N ARG A 220 21.73 24.28 -9.05
CA ARG A 220 21.22 24.54 -10.40
C ARG A 220 21.48 26.00 -10.71
N ASP A 221 22.36 26.26 -11.68
CA ASP A 221 22.72 27.62 -12.08
C ASP A 221 23.34 28.42 -10.94
N GLY A 222 23.84 27.74 -9.91
CA GLY A 222 24.55 28.37 -8.81
C GLY A 222 23.80 28.33 -7.48
N GLU A 223 22.47 28.23 -7.51
CA GLU A 223 21.67 28.21 -6.30
C GLU A 223 21.40 26.77 -5.87
N ASP A 224 21.26 26.59 -4.56
CA ASP A 224 21.05 25.26 -4.00
C ASP A 224 19.70 24.69 -4.42
N GLN A 225 19.68 23.38 -4.66
CA GLN A 225 18.45 22.64 -4.94
C GLN A 225 17.94 21.89 -3.72
N THR A 226 18.12 22.46 -2.52
CA THR A 226 17.74 21.77 -1.29
C THR A 226 16.31 21.24 -1.31
N GLN A 227 15.42 21.88 -2.07
CA GLN A 227 14.03 21.47 -2.08
C GLN A 227 13.77 20.21 -2.90
N ASP A 228 14.66 19.89 -3.87
CA ASP A 228 14.43 18.77 -4.78
C ASP A 228 15.59 17.79 -4.79
N THR A 229 16.40 17.76 -3.73
CA THR A 229 17.59 16.92 -3.67
C THR A 229 17.34 15.75 -2.74
N GLU A 230 17.50 14.54 -3.29
CA GLU A 230 17.43 13.29 -2.49
C GLU A 230 18.81 13.18 -1.82
N LEU A 231 18.83 12.98 -0.50
CA LEU A 231 20.10 12.96 0.24
C LEU A 231 20.01 11.89 1.31
N VAL A 232 20.75 10.79 1.13
CA VAL A 232 20.83 9.75 2.14
C VAL A 232 21.76 10.21 3.25
N GLU A 233 21.75 9.53 4.38
CA GLU A 233 22.61 9.86 5.50
C GLU A 233 23.93 9.11 5.38
N THR A 234 25.01 9.80 5.73
CA THR A 234 26.35 9.21 5.68
C THR A 234 26.32 7.83 6.32
N ARG A 235 26.70 6.82 5.54
CA ARG A 235 26.62 5.42 6.02
C ARG A 235 28.00 4.78 6.02
N PRO A 236 28.32 3.89 6.97
CA PRO A 236 29.61 3.20 7.03
C PRO A 236 29.75 2.17 5.92
N ALA A 237 31.00 1.85 5.61
CA ALA A 237 31.32 0.84 4.60
C ALA A 237 31.73 -0.49 5.22
N GLY A 238 32.32 -0.47 6.42
CA GLY A 238 32.76 -1.66 7.10
C GLY A 238 34.26 -1.76 7.30
N ASP A 239 35.05 -1.04 6.49
CA ASP A 239 36.50 -1.07 6.57
C ASP A 239 37.06 0.21 7.20
N GLY A 240 36.22 0.98 7.87
CA GLY A 240 36.64 2.23 8.48
C GLY A 240 36.40 3.46 7.62
N THR A 241 35.81 3.31 6.45
CA THR A 241 35.47 4.42 5.58
C THR A 241 33.96 4.58 5.49
N PHE A 242 33.54 5.70 4.92
CA PHE A 242 32.13 6.04 4.85
C PHE A 242 31.74 6.37 3.41
N GLN A 243 30.43 6.29 3.14
CA GLN A 243 29.88 6.52 1.82
C GLN A 243 28.69 7.47 1.92
N LYS A 244 28.42 8.17 0.82
CA LYS A 244 27.26 9.06 0.76
C LYS A 244 27.03 9.47 -0.68
N TRP A 245 25.76 9.55 -1.08
CA TRP A 245 25.41 9.99 -2.42
C TRP A 245 24.25 10.97 -2.33
N ALA A 246 24.12 11.81 -3.36
CA ALA A 246 23.07 12.82 -3.42
C ALA A 246 22.55 12.92 -4.84
N ALA A 247 21.25 12.67 -5.02
CA ALA A 247 20.64 12.64 -6.34
C ALA A 247 19.71 13.83 -6.52
N VAL A 248 19.42 14.15 -7.79
CA VAL A 248 18.52 15.24 -8.12
C VAL A 248 17.76 14.88 -9.40
N VAL A 249 16.54 15.40 -9.50
CA VAL A 249 15.67 15.17 -10.66
C VAL A 249 15.84 16.35 -11.61
N VAL A 250 16.18 16.05 -12.86
CA VAL A 250 16.63 17.05 -13.83
C VAL A 250 15.76 16.91 -15.07
N PRO A 251 15.23 18.01 -15.63
CA PRO A 251 14.56 17.92 -16.92
C PRO A 251 15.53 17.49 -18.03
N SER A 252 15.05 16.64 -18.92
CA SER A 252 15.89 16.13 -20.00
C SER A 252 16.38 17.26 -20.89
N GLY A 253 17.69 17.33 -21.09
CA GLY A 253 18.31 18.35 -21.90
C GLY A 253 18.98 19.47 -21.12
N GLN A 254 18.90 19.44 -19.79
CA GLN A 254 19.42 20.51 -18.95
C GLN A 254 20.48 20.02 -17.99
N GLU A 255 21.14 18.90 -18.30
CA GLU A 255 22.11 18.31 -17.38
C GLU A 255 23.26 19.27 -17.10
N GLN A 256 23.69 20.01 -18.12
CA GLN A 256 24.85 20.89 -18.00
C GLN A 256 24.61 22.09 -17.08
N ARG A 257 23.41 22.25 -16.55
CA ARG A 257 23.10 23.34 -15.63
C ARG A 257 23.32 22.95 -14.17
N TYR A 258 23.22 21.66 -13.85
CA TYR A 258 23.38 21.19 -12.48
C TYR A 258 24.84 20.83 -12.20
N THR A 259 25.27 21.12 -10.98
CA THR A 259 26.63 20.82 -10.53
C THR A 259 26.57 20.23 -9.15
N CYS A 260 27.45 19.26 -8.89
CA CYS A 260 27.55 18.61 -7.58
C CYS A 260 28.77 19.17 -6.85
N HIS A 261 28.55 19.70 -5.66
CA HIS A 261 29.61 20.29 -4.85
C HIS A 261 29.93 19.40 -3.67
N VAL A 262 31.21 19.14 -3.46
CA VAL A 262 31.69 18.25 -2.41
C VAL A 262 32.72 18.99 -1.58
N GLN A 263 32.61 18.88 -0.25
CA GLN A 263 33.57 19.44 0.69
C GLN A 263 33.94 18.38 1.71
N HIS A 264 35.23 18.21 1.95
CA HIS A 264 35.72 17.25 2.92
C HIS A 264 37.11 17.67 3.37
N GLU A 265 37.48 17.22 4.58
CA GLU A 265 38.78 17.59 5.12
C GLU A 265 39.93 17.16 4.21
N GLY A 266 39.73 16.09 3.43
CA GLY A 266 40.79 15.57 2.59
C GLY A 266 40.98 16.31 1.29
N LEU A 267 39.99 17.07 0.86
CA LEU A 267 40.08 17.83 -0.38
C LEU A 267 40.70 19.19 -0.09
N PRO A 268 41.83 19.56 -0.72
CA PRO A 268 42.39 20.89 -0.50
C PRO A 268 41.38 21.98 -0.82
N LYS A 269 40.82 21.93 -2.02
CA LYS A 269 39.71 22.79 -2.40
C LYS A 269 38.48 21.94 -2.69
N PRO A 270 37.27 22.48 -2.50
CA PRO A 270 36.07 21.69 -2.77
C PRO A 270 36.03 21.23 -4.22
N LEU A 271 35.22 20.20 -4.48
CA LEU A 271 35.07 19.66 -5.81
C LEU A 271 33.74 20.09 -6.42
N THR A 272 33.77 20.34 -7.72
CA THR A 272 32.59 20.72 -8.49
C THR A 272 32.51 19.83 -9.71
N LEU A 273 31.43 19.06 -9.81
CA LEU A 273 31.26 18.08 -10.87
C LEU A 273 30.07 18.44 -11.76
N ARG A 274 30.16 18.05 -13.02
CA ARG A 274 29.14 18.31 -14.03
C ARG A 274 29.17 17.19 -15.04
N TRP A 275 27.99 16.69 -15.41
CA TRP A 275 27.93 15.47 -16.19
C TRP A 275 28.54 15.67 -17.58
N GLU A 276 28.93 14.55 -18.19
CA GLU A 276 29.58 14.54 -19.49
C GLU A 276 30.95 15.23 -19.43
N MET B 1 7.63 6.02 24.33
CA MET B 1 6.23 6.38 23.97
C MET B 1 6.20 6.97 22.56
N ILE B 2 7.18 7.82 22.23
CA ILE B 2 7.29 8.42 20.87
C ILE B 2 8.31 7.57 20.09
N GLN B 3 7.88 6.94 19.00
CA GLN B 3 8.78 6.04 18.22
C GLN B 3 9.11 6.63 16.86
N ARG B 4 10.37 6.44 16.43
CA ARG B 4 10.89 6.87 15.11
C ARG B 4 10.96 5.63 14.23
N THR B 5 10.80 5.79 12.92
CA THR B 5 10.83 4.63 12.05
C THR B 5 12.24 4.40 11.50
N PRO B 6 12.64 3.14 11.29
CA PRO B 6 14.01 2.88 10.83
C PRO B 6 14.21 3.26 9.37
N LYS B 7 15.41 3.78 9.08
CA LYS B 7 15.83 4.13 7.73
C LYS B 7 16.88 3.12 7.28
N ILE B 8 16.63 2.47 6.15
CA ILE B 8 17.42 1.31 5.72
C ILE B 8 18.19 1.68 4.46
N GLN B 9 19.41 1.16 4.34
CA GLN B 9 20.23 1.31 3.14
C GLN B 9 20.98 0.01 2.91
N VAL B 10 20.70 -0.65 1.78
CA VAL B 10 21.40 -1.85 1.38
C VAL B 10 22.42 -1.48 0.31
N TYR B 11 23.64 -2.00 0.46
CA TYR B 11 24.73 -1.57 -0.41
C TYR B 11 25.92 -2.50 -0.22
N SER B 12 26.86 -2.44 -1.15
CA SER B 12 28.08 -3.22 -1.09
C SER B 12 29.22 -2.37 -0.55
N ARG B 13 30.14 -3.01 0.16
CA ARG B 13 31.30 -2.29 0.70
C ARG B 13 32.15 -1.70 -0.42
N HIS B 14 32.34 -2.45 -1.50
CA HIS B 14 33.10 -2.01 -2.65
C HIS B 14 32.23 -2.10 -3.90
N PRO B 15 32.64 -1.45 -4.99
CA PRO B 15 31.86 -1.55 -6.23
C PRO B 15 31.55 -2.99 -6.60
N ALA B 16 30.35 -3.23 -7.10
CA ALA B 16 29.89 -4.57 -7.43
C ALA B 16 30.63 -5.08 -8.67
N GLU B 17 31.44 -6.12 -8.49
CA GLU B 17 32.14 -6.79 -9.59
C GLU B 17 31.89 -8.28 -9.45
N ASN B 18 31.06 -8.85 -10.33
CA ASN B 18 30.74 -10.26 -10.21
C ASN B 18 32.00 -11.10 -10.20
N GLY B 19 32.01 -12.12 -9.34
CA GLY B 19 33.14 -13.03 -9.24
C GLY B 19 34.24 -12.67 -8.28
N LYS B 20 34.34 -11.38 -7.93
CA LYS B 20 35.36 -10.93 -7.00
C LYS B 20 34.72 -11.01 -5.62
N SER B 21 35.53 -11.33 -4.62
CA SER B 21 35.06 -11.34 -3.24
C SER B 21 34.70 -9.93 -2.80
N ASN B 22 33.64 -9.83 -2.00
CA ASN B 22 33.12 -8.53 -1.60
C ASN B 22 32.26 -8.71 -0.36
N PHE B 23 31.84 -7.59 0.22
CA PHE B 23 31.00 -7.58 1.41
C PHE B 23 29.65 -6.93 1.09
N LEU B 24 28.59 -7.55 1.59
CA LEU B 24 27.25 -6.98 1.54
C LEU B 24 26.89 -6.37 2.89
N ASN B 25 26.28 -5.19 2.85
CA ASN B 25 26.00 -4.40 4.04
C ASN B 25 24.56 -3.91 4.01
N CYS B 26 23.91 -3.98 5.17
CA CYS B 26 22.58 -3.41 5.40
C CYS B 26 22.69 -2.52 6.62
N TYR B 27 22.55 -1.21 6.41
CA TYR B 27 22.73 -0.22 7.46
C TYR B 27 21.38 0.37 7.84
N VAL B 28 21.07 0.33 9.14
CA VAL B 28 19.81 0.82 9.67
C VAL B 28 20.12 1.98 10.61
N SER B 29 19.44 3.11 10.41
CA SER B 29 19.73 4.31 11.19
C SER B 29 18.44 5.04 11.53
N GLY B 30 18.49 5.78 12.63
CA GLY B 30 17.43 6.70 12.97
C GLY B 30 16.21 6.09 13.61
N PHE B 31 16.32 4.88 14.16
CA PHE B 31 15.18 4.19 14.73
C PHE B 31 15.22 4.21 16.25
N HIS B 32 14.05 3.96 16.85
CA HIS B 32 13.89 3.95 18.29
C HIS B 32 12.51 3.36 18.61
N PRO B 33 12.38 2.50 19.62
CA PRO B 33 13.40 2.01 20.56
C PRO B 33 14.44 1.09 19.92
N SER B 34 15.29 0.48 20.76
CA SER B 34 16.47 -0.24 20.28
C SER B 34 16.11 -1.59 19.66
N ASP B 35 15.05 -2.24 20.13
CA ASP B 35 14.68 -3.55 19.59
C ASP B 35 14.40 -3.49 18.08
N ILE B 36 14.97 -4.45 17.36
CA ILE B 36 14.83 -4.53 15.91
C ILE B 36 15.39 -5.87 15.45
N GLU B 37 14.84 -6.43 14.38
CA GLU B 37 15.37 -7.68 13.83
C GLU B 37 15.68 -7.50 12.36
N VAL B 38 16.85 -7.96 11.93
CA VAL B 38 17.34 -7.76 10.58
C VAL B 38 17.92 -9.06 10.05
N ASP B 39 17.46 -9.48 8.88
CA ASP B 39 18.00 -10.63 8.17
C ASP B 39 18.43 -10.19 6.78
N LEU B 40 19.35 -10.96 6.19
CA LEU B 40 19.84 -10.73 4.84
C LEU B 40 19.42 -11.90 3.95
N LEU B 41 18.83 -11.58 2.80
CA LEU B 41 18.22 -12.57 1.93
C LEU B 41 19.06 -12.75 0.67
N LYS B 42 19.28 -14.01 0.30
CA LYS B 42 19.98 -14.40 -0.93
C LYS B 42 18.96 -15.11 -1.82
N ASN B 43 18.41 -14.37 -2.78
CA ASN B 43 17.39 -14.91 -3.68
C ASN B 43 16.16 -15.40 -2.92
N GLY B 44 15.90 -14.81 -1.75
CA GLY B 44 14.74 -15.16 -0.97
C GLY B 44 15.08 -15.81 0.36
N GLU B 45 15.97 -16.80 0.33
CA GLU B 45 16.37 -17.50 1.54
C GLU B 45 17.45 -16.72 2.28
N ARG B 46 17.37 -16.73 3.61
CA ARG B 46 18.24 -15.91 4.42
C ARG B 46 19.63 -16.52 4.56
N ILE B 47 20.57 -15.70 5.01
CA ILE B 47 21.99 -16.16 5.23
C ILE B 47 22.16 -16.55 6.69
N GLU B 48 23.27 -17.22 7.03
CA GLU B 48 23.53 -17.65 8.42
C GLU B 48 24.69 -16.94 9.12
N LYS B 49 25.76 -16.64 8.37
CA LYS B 49 26.94 -15.96 8.88
C LYS B 49 26.80 -14.46 8.63
N VAL B 50 26.09 -13.80 9.54
CA VAL B 50 25.76 -12.38 9.42
C VAL B 50 26.15 -11.71 10.73
N GLU B 51 27.34 -11.12 10.76
CA GLU B 51 27.77 -10.35 11.92
C GLU B 51 27.07 -9.00 11.94
N HIS B 52 27.21 -8.30 13.06
CA HIS B 52 26.59 -6.98 13.18
C HIS B 52 27.42 -6.13 14.15
N SER B 53 27.21 -4.82 14.07
CA SER B 53 27.95 -3.89 14.91
C SER B 53 27.29 -3.78 16.29
N ASP B 54 27.96 -3.07 17.18
CA ASP B 54 27.44 -2.85 18.52
C ASP B 54 26.45 -1.69 18.53
N LEU B 55 25.48 -1.77 19.44
CA LEU B 55 24.44 -0.76 19.50
C LEU B 55 25.04 0.60 19.83
N SER B 56 24.59 1.62 19.10
CA SER B 56 25.02 3.00 19.33
C SER B 56 23.98 3.91 18.72
N PHE B 57 24.02 5.19 19.11
CA PHE B 57 23.01 6.15 18.70
C PHE B 57 23.66 7.46 18.29
N SER B 58 22.87 8.30 17.63
CA SER B 58 23.33 9.59 17.14
C SER B 58 22.93 10.68 18.14
N LYS B 59 23.21 11.93 17.82
CA LYS B 59 22.91 13.03 18.73
C LYS B 59 21.43 13.17 19.09
N ASP B 60 20.53 12.76 18.20
CA ASP B 60 19.10 12.78 18.49
C ASP B 60 18.64 11.53 19.23
N TRP B 61 19.57 10.73 19.76
CA TRP B 61 19.28 9.55 20.56
C TRP B 61 18.66 8.43 19.75
N SER B 62 18.72 8.50 18.42
CA SER B 62 18.22 7.43 17.58
C SER B 62 19.37 6.45 17.29
N PHE B 63 19.05 5.16 17.33
CA PHE B 63 20.06 4.13 17.22
C PHE B 63 20.46 3.89 15.76
N TYR B 64 21.55 3.16 15.58
CA TYR B 64 22.00 2.76 14.26
C TYR B 64 22.84 1.49 14.38
N LEU B 65 22.62 0.56 13.45
CA LEU B 65 23.32 -0.71 13.42
C LEU B 65 23.73 -1.03 11.98
N LEU B 66 24.74 -1.90 11.86
CA LEU B 66 25.23 -2.38 10.58
C LEU B 66 25.23 -3.89 10.59
N TYR B 67 24.65 -4.50 9.56
CA TYR B 67 24.63 -5.95 9.39
C TYR B 67 25.40 -6.28 8.11
N TYR B 68 26.56 -6.91 8.25
CA TYR B 68 27.45 -7.15 7.13
C TYR B 68 27.76 -8.64 7.00
N THR B 69 28.13 -9.03 5.79
CA THR B 69 28.53 -10.41 5.52
C THR B 69 29.43 -10.44 4.30
N GLU B 70 30.17 -11.54 4.16
CA GLU B 70 31.04 -11.75 3.01
C GLU B 70 30.32 -12.59 1.97
N PHE B 71 30.62 -12.32 0.69
CA PHE B 71 29.97 -13.03 -0.40
C PHE B 71 30.71 -12.70 -1.70
N THR B 72 30.19 -13.21 -2.80
CA THR B 72 30.71 -12.94 -4.13
C THR B 72 29.52 -12.62 -5.04
N PRO B 73 29.37 -11.39 -5.51
CA PRO B 73 28.22 -11.08 -6.37
C PRO B 73 28.29 -11.83 -7.68
N THR B 74 27.12 -12.06 -8.27
CA THR B 74 27.03 -12.77 -9.54
C THR B 74 26.09 -12.03 -10.48
N GLU B 75 25.79 -12.63 -11.64
CA GLU B 75 24.96 -11.96 -12.63
C GLU B 75 23.47 -12.01 -12.29
N LYS B 76 22.96 -13.20 -11.98
CA LYS B 76 21.52 -13.38 -11.77
C LYS B 76 21.10 -13.23 -10.32
N ASP B 77 21.98 -13.54 -9.37
CA ASP B 77 21.60 -13.54 -7.96
C ASP B 77 21.22 -12.14 -7.51
N GLU B 78 20.08 -12.05 -6.83
CA GLU B 78 19.63 -10.82 -6.20
C GLU B 78 19.70 -10.97 -4.69
N TYR B 79 20.23 -9.95 -4.01
CA TYR B 79 20.34 -9.93 -2.57
C TYR B 79 19.43 -8.83 -2.01
N ALA B 80 18.95 -9.03 -0.79
CA ALA B 80 18.02 -8.10 -0.19
C ALA B 80 18.24 -8.04 1.32
N CYS B 81 17.57 -7.10 1.97
CA CYS B 81 17.62 -6.93 3.41
C CYS B 81 16.20 -6.82 3.94
N ARG B 82 15.88 -7.65 4.95
CA ARG B 82 14.57 -7.67 5.58
C ARG B 82 14.68 -7.17 7.01
N VAL B 83 13.85 -6.18 7.35
CA VAL B 83 13.89 -5.53 8.65
C VAL B 83 12.50 -5.59 9.26
N ASN B 84 12.45 -5.71 10.58
CA ASN B 84 11.19 -5.60 11.31
C ASN B 84 11.41 -4.84 12.60
N HIS B 85 10.56 -3.85 12.83
CA HIS B 85 10.58 -2.92 13.99
C HIS B 85 9.15 -2.71 14.47
N VAL B 86 8.99 -2.12 15.64
CA VAL B 86 7.67 -1.95 16.23
C VAL B 86 6.82 -0.98 15.41
N THR B 87 7.44 -0.03 14.72
CA THR B 87 6.72 1.00 13.98
C THR B 87 6.19 0.51 12.64
N LEU B 88 6.23 -0.80 12.38
CA LEU B 88 5.79 -1.36 11.11
C LEU B 88 4.68 -2.37 11.33
N SER B 89 3.84 -2.53 10.32
CA SER B 89 2.77 -3.52 10.33
C SER B 89 3.15 -4.82 9.64
N GLN B 90 4.31 -4.86 8.98
CA GLN B 90 4.78 -6.07 8.30
C GLN B 90 6.26 -5.92 8.03
N PRO B 91 6.99 -7.03 7.88
CA PRO B 91 8.43 -6.94 7.60
C PRO B 91 8.71 -6.15 6.33
N LYS B 92 9.54 -5.11 6.47
CA LYS B 92 9.94 -4.29 5.35
C LYS B 92 11.12 -4.93 4.62
N ILE B 93 11.11 -4.85 3.30
CA ILE B 93 12.16 -5.46 2.48
C ILE B 93 12.76 -4.39 1.58
N VAL B 94 14.07 -4.52 1.33
CA VAL B 94 14.80 -3.59 0.48
C VAL B 94 15.73 -4.39 -0.42
N LYS B 95 15.62 -4.17 -1.74
CA LYS B 95 16.45 -4.86 -2.71
C LYS B 95 17.77 -4.13 -2.89
N TRP B 96 18.85 -4.89 -3.04
CA TRP B 96 20.17 -4.33 -3.28
C TRP B 96 20.26 -3.86 -4.73
N ASP B 97 20.44 -2.57 -4.94
CA ASP B 97 20.50 -2.00 -6.28
C ASP B 97 21.94 -2.03 -6.76
N ARG B 98 22.28 -3.04 -7.55
CA ARG B 98 23.65 -3.19 -8.05
C ARG B 98 24.00 -2.11 -9.06
N ASP B 99 23.01 -1.47 -9.66
CA ASP B 99 23.22 -0.49 -10.74
C ASP B 99 22.47 0.79 -10.36
N MET B 100 23.15 1.67 -9.63
CA MET B 100 22.59 2.98 -9.30
C MET B 100 23.71 3.98 -9.02
N LYS C 1 39.72 6.43 28.70
CA LYS C 1 39.27 6.08 30.08
C LYS C 1 38.02 6.87 30.44
N GLN C 2 37.11 6.23 31.17
CA GLN C 2 35.80 6.77 31.46
C GLN C 2 35.72 7.24 32.91
N TRP C 3 34.65 7.96 33.22
CA TRP C 3 34.53 8.64 34.50
C TRP C 3 34.43 7.63 35.64
N LEU C 4 34.99 8.00 36.78
CA LEU C 4 35.08 7.13 37.94
C LEU C 4 33.91 7.32 38.92
N VAL C 5 33.14 8.38 38.80
CA VAL C 5 32.07 8.70 39.75
C VAL C 5 30.80 7.95 39.35
N TRP C 6 30.02 7.57 40.35
CA TRP C 6 28.67 7.07 40.13
C TRP C 6 27.70 8.25 40.12
N LEU C 7 26.82 8.28 39.13
CA LEU C 7 25.89 9.39 38.96
C LEU C 7 24.47 8.82 38.85
N LEU C 8 23.67 9.05 39.89
CA LEU C 8 22.29 8.58 39.93
C LEU C 8 21.35 9.70 39.50
N LEU C 9 20.20 9.32 38.97
CA LEU C 9 19.17 10.27 38.58
C LEU C 9 18.17 10.48 39.71
N GLN D 3 -14.95 -13.31 -41.42
CA GLN D 3 -15.95 -12.48 -40.69
C GLN D 3 -15.69 -12.60 -39.18
N THR D 4 -14.88 -11.71 -38.62
CA THR D 4 -14.57 -11.72 -37.18
C THR D 4 -14.29 -10.30 -36.72
N VAL D 5 -14.45 -10.05 -35.44
CA VAL D 5 -14.10 -8.72 -34.86
C VAL D 5 -13.20 -9.03 -33.69
N THR D 6 -12.13 -8.26 -33.50
CA THR D 6 -11.24 -8.60 -32.38
C THR D 6 -10.84 -7.34 -31.63
N GLN D 7 -10.88 -7.39 -30.30
CA GLN D 7 -10.43 -6.29 -29.47
C GLN D 7 -9.22 -6.79 -28.68
N SER D 8 -8.04 -6.26 -28.98
CA SER D 8 -6.80 -6.84 -28.47
C SER D 8 -6.70 -6.72 -26.96
N GLN D 9 -7.10 -5.58 -26.40
CA GLN D 9 -6.97 -5.34 -24.97
C GLN D 9 -8.21 -5.86 -24.26
N PRO D 10 -8.12 -6.90 -23.42
CA PRO D 10 -9.30 -7.32 -22.65
C PRO D 10 -9.70 -6.33 -21.59
N GLU D 11 -8.80 -5.43 -21.18
CA GLU D 11 -9.06 -4.52 -20.07
C GLU D 11 -8.14 -3.33 -20.20
N MET D 12 -8.67 -2.14 -19.96
CA MET D 12 -7.91 -0.92 -20.04
C MET D 12 -8.20 -0.04 -18.82
N SER D 13 -7.25 0.86 -18.53
CA SER D 13 -7.35 1.77 -17.41
C SER D 13 -7.07 3.19 -17.89
N VAL D 14 -7.60 4.16 -17.16
CA VAL D 14 -7.41 5.56 -17.51
C VAL D 14 -7.83 6.44 -16.33
N GLN D 15 -7.10 7.54 -16.13
CA GLN D 15 -7.44 8.50 -15.09
C GLN D 15 -8.61 9.38 -15.53
N GLU D 16 -9.34 9.89 -14.54
CA GLU D 16 -10.45 10.79 -14.84
C GLU D 16 -9.94 12.05 -15.52
N ALA D 17 -10.73 12.56 -16.47
CA ALA D 17 -10.43 13.77 -17.23
C ALA D 17 -9.30 13.59 -18.23
N GLU D 18 -8.92 12.36 -18.53
CA GLU D 18 -7.92 12.06 -19.56
C GLU D 18 -8.61 11.39 -20.74
N THR D 19 -7.80 11.06 -21.75
CA THR D 19 -8.29 10.41 -22.96
C THR D 19 -7.83 8.96 -23.00
N VAL D 20 -8.68 8.08 -23.53
CA VAL D 20 -8.36 6.67 -23.68
C VAL D 20 -8.88 6.21 -25.03
N THR D 21 -8.13 5.29 -25.66
CA THR D 21 -8.46 4.77 -26.97
C THR D 21 -8.63 3.25 -26.89
N LEU D 22 -9.75 2.75 -27.40
CA LEU D 22 -10.04 1.32 -27.45
C LEU D 22 -9.90 0.86 -28.88
N SER D 23 -9.05 -0.14 -29.11
CA SER D 23 -8.80 -0.63 -30.45
C SER D 23 -9.88 -1.60 -30.89
N CYS D 24 -10.03 -1.71 -32.20
CA CYS D 24 -10.92 -2.70 -32.79
C CYS D 24 -10.56 -2.88 -34.26
N THR D 25 -10.25 -4.10 -34.65
CA THR D 25 -10.00 -4.45 -36.04
C THR D 25 -10.96 -5.54 -36.47
N TYR D 26 -11.37 -5.49 -37.74
CA TYR D 26 -12.32 -6.43 -38.29
C TYR D 26 -11.80 -6.98 -39.60
N ASP D 27 -12.46 -8.02 -40.09
CA ASP D 27 -12.09 -8.67 -41.34
C ASP D 27 -13.36 -8.99 -42.11
N THR D 28 -13.39 -8.57 -43.38
CA THR D 28 -14.54 -8.82 -44.23
C THR D 28 -14.12 -8.61 -45.68
N SER D 29 -14.64 -9.45 -46.57
CA SER D 29 -14.37 -9.34 -48.00
C SER D 29 -15.40 -8.47 -48.72
N GLU D 30 -16.38 -7.93 -48.00
CA GLU D 30 -17.47 -7.20 -48.63
C GLU D 30 -17.12 -5.72 -48.75
N SER D 31 -17.85 -5.04 -49.65
CA SER D 31 -17.59 -3.63 -49.91
C SER D 31 -18.23 -2.74 -48.86
N ASP D 32 -19.51 -2.98 -48.54
CA ASP D 32 -20.27 -2.13 -47.65
C ASP D 32 -20.76 -2.95 -46.46
N TYR D 33 -20.74 -2.31 -45.28
CA TYR D 33 -21.06 -2.97 -44.02
C TYR D 33 -21.36 -1.88 -43.00
N TYR D 34 -21.68 -2.30 -41.78
CA TYR D 34 -21.98 -1.37 -40.69
C TYR D 34 -21.15 -1.70 -39.48
N LEU D 35 -20.65 -0.67 -38.80
CA LEU D 35 -19.85 -0.83 -37.60
C LEU D 35 -20.51 -0.11 -36.43
N PHE D 36 -20.37 -0.66 -35.24
CA PHE D 36 -21.01 -0.11 -34.05
C PHE D 36 -20.08 -0.19 -32.85
N TRP D 37 -20.26 0.75 -31.93
CA TRP D 37 -19.64 0.70 -30.61
C TRP D 37 -20.74 0.76 -29.57
N TYR D 38 -20.86 -0.29 -28.76
CA TYR D 38 -21.85 -0.38 -27.70
C TYR D 38 -21.17 -0.30 -26.34
N LYS D 39 -21.98 -0.04 -25.32
CA LYS D 39 -21.50 0.13 -23.95
C LYS D 39 -22.40 -0.66 -23.00
N GLN D 40 -21.78 -1.45 -22.13
CA GLN D 40 -22.50 -2.27 -21.16
C GLN D 40 -21.94 -1.99 -19.77
N PRO D 41 -22.62 -1.19 -18.95
CA PRO D 41 -22.18 -0.99 -17.57
C PRO D 41 -22.56 -2.18 -16.72
N PRO D 42 -22.20 -2.16 -15.43
CA PRO D 42 -22.55 -3.29 -14.55
C PRO D 42 -24.04 -3.60 -14.50
N SER D 43 -24.91 -2.70 -15.00
CA SER D 43 -26.34 -2.97 -15.03
C SER D 43 -26.74 -3.90 -16.16
N ARG D 44 -25.83 -4.22 -17.09
CA ARG D 44 -26.07 -5.10 -18.21
C ARG D 44 -27.04 -4.51 -19.21
N GLN D 45 -27.27 -3.20 -19.18
CA GLN D 45 -28.17 -2.54 -20.11
C GLN D 45 -27.31 -2.04 -21.27
N MET D 46 -27.53 -2.59 -22.46
CA MET D 46 -26.77 -2.21 -23.64
C MET D 46 -27.22 -0.84 -24.15
N ILE D 47 -26.27 0.07 -24.27
CA ILE D 47 -26.51 1.40 -24.81
C ILE D 47 -25.61 1.60 -26.01
N LEU D 48 -26.16 2.19 -27.07
CA LEU D 48 -25.35 2.48 -28.25
C LEU D 48 -24.43 3.66 -27.98
N VAL D 49 -23.19 3.52 -28.40
CA VAL D 49 -22.20 4.60 -28.30
C VAL D 49 -21.97 5.27 -29.64
N ILE D 50 -21.71 4.48 -30.69
CA ILE D 50 -21.44 5.02 -32.02
C ILE D 50 -22.02 4.10 -33.08
N ARG D 51 -22.47 4.71 -34.16
CA ARG D 51 -22.97 3.99 -35.35
C ARG D 51 -22.12 4.48 -36.51
N GLN D 52 -21.81 3.61 -37.44
CA GLN D 52 -20.90 3.92 -38.54
C GLN D 52 -21.38 3.18 -39.78
N GLU D 53 -21.99 3.89 -40.72
CA GLU D 53 -22.22 3.33 -42.03
C GLU D 53 -20.91 3.27 -42.80
N ALA D 54 -20.75 2.23 -43.63
CA ALA D 54 -19.57 2.15 -44.47
C ALA D 54 -19.65 3.15 -45.62
N TYR D 55 -20.88 3.51 -45.99
CA TYR D 55 -21.07 4.49 -47.08
C TYR D 55 -20.47 5.84 -46.68
N LYS D 56 -20.44 6.18 -45.40
CA LYS D 56 -19.94 7.54 -45.07
C LYS D 56 -18.80 7.53 -44.06
N GLN D 57 -18.00 8.59 -44.07
CA GLN D 57 -16.86 8.78 -43.14
C GLN D 57 -17.32 9.81 -42.10
N GLN D 58 -16.82 9.72 -40.86
CA GLN D 58 -17.33 10.56 -39.73
C GLN D 58 -17.22 12.06 -40.04
N ASN D 59 -18.22 12.86 -39.63
CA ASN D 59 -18.17 14.32 -39.94
C ASN D 59 -18.14 15.25 -38.71
N ALA D 60 -18.40 14.78 -37.49
CA ALA D 60 -18.41 15.78 -36.38
C ALA D 60 -18.13 15.14 -35.02
N THR D 61 -17.80 15.97 -34.02
CA THR D 61 -17.54 15.54 -32.62
C THR D 61 -18.35 16.47 -31.71
N GLU D 62 -19.66 16.20 -31.58
CA GLU D 62 -20.57 17.12 -30.83
C GLU D 62 -20.56 16.66 -29.37
N ASN D 63 -20.06 15.44 -29.15
CA ASN D 63 -19.89 14.80 -27.86
C ASN D 63 -18.41 14.56 -27.59
N ARG D 64 -18.13 13.89 -26.47
CA ARG D 64 -16.76 13.56 -26.10
C ARG D 64 -16.34 12.18 -26.59
N PHE D 65 -17.25 11.43 -27.21
CA PHE D 65 -16.94 10.16 -27.85
C PHE D 65 -16.71 10.41 -29.34
N SER D 66 -15.63 9.83 -29.88
CA SER D 66 -15.35 9.90 -31.31
C SER D 66 -14.80 8.56 -31.76
N VAL D 67 -14.62 8.42 -33.06
CA VAL D 67 -14.11 7.19 -33.66
C VAL D 67 -13.15 7.53 -34.78
N ASN D 68 -12.09 6.73 -34.90
CA ASN D 68 -11.19 6.79 -36.05
C ASN D 68 -11.44 5.54 -36.89
N PHE D 69 -11.91 5.75 -38.12
CA PHE D 69 -12.27 4.68 -39.04
C PHE D 69 -11.27 4.67 -40.19
N GLN D 70 -10.55 3.57 -40.33
CA GLN D 70 -9.57 3.37 -41.39
C GLN D 70 -10.03 2.18 -42.22
N LYS D 71 -10.75 2.45 -43.31
CA LYS D 71 -11.28 1.38 -44.14
C LYS D 71 -10.15 0.49 -44.65
N ALA D 72 -9.06 1.10 -45.13
CA ALA D 72 -7.83 0.36 -45.32
C ALA D 72 -7.19 0.09 -43.96
N ALA D 73 -6.70 -1.13 -43.77
CA ALA D 73 -6.22 -1.68 -42.50
C ALA D 73 -7.39 -1.99 -41.57
N LYS D 74 -8.64 -1.74 -41.98
CA LYS D 74 -9.83 -2.16 -41.25
C LYS D 74 -9.73 -1.89 -39.75
N SER D 75 -9.56 -0.61 -39.42
CA SER D 75 -9.50 -0.16 -38.04
C SER D 75 -10.64 0.76 -37.65
N PHE D 76 -11.27 0.48 -36.51
CA PHE D 76 -12.38 1.29 -36.02
C PHE D 76 -12.20 1.56 -34.52
N SER D 77 -11.28 2.48 -34.20
CA SER D 77 -10.93 2.74 -32.82
C SER D 77 -11.88 3.76 -32.21
N LEU D 78 -12.09 3.63 -30.90
CA LEU D 78 -13.00 4.50 -30.14
C LEU D 78 -12.16 5.39 -29.23
N LYS D 79 -12.34 6.70 -29.36
CA LYS D 79 -11.64 7.68 -28.54
C LYS D 79 -12.61 8.28 -27.54
N ILE D 80 -12.29 8.17 -26.26
CA ILE D 80 -13.04 8.78 -25.17
C ILE D 80 -12.16 9.88 -24.58
N SER D 81 -12.56 11.13 -24.81
CA SER D 81 -11.86 12.27 -24.25
C SER D 81 -12.63 12.82 -23.05
N ASP D 82 -11.89 13.43 -22.12
CA ASP D 82 -12.47 13.93 -20.88
C ASP D 82 -13.25 12.82 -20.17
N SER D 83 -12.53 11.76 -19.80
CA SER D 83 -13.15 10.61 -19.19
C SER D 83 -13.87 10.99 -17.90
N GLN D 84 -14.79 10.12 -17.49
CA GLN D 84 -15.55 10.34 -16.26
C GLN D 84 -15.92 8.98 -15.68
N LEU D 85 -16.33 9.00 -14.41
CA LEU D 85 -16.64 7.76 -13.70
C LEU D 85 -17.71 6.96 -14.43
N GLY D 86 -18.66 7.67 -15.05
CA GLY D 86 -19.79 7.02 -15.74
C GLY D 86 -19.32 6.13 -16.87
N ASP D 87 -18.09 6.33 -17.35
CA ASP D 87 -17.52 5.55 -18.48
C ASP D 87 -16.86 4.25 -18.01
N ALA D 88 -16.93 3.93 -16.71
CA ALA D 88 -16.33 2.68 -16.21
C ALA D 88 -17.32 1.53 -16.51
N ALA D 89 -17.22 1.00 -17.74
CA ALA D 89 -18.12 -0.06 -18.24
C ALA D 89 -17.37 -0.93 -19.27
N MET D 90 -18.08 -1.86 -19.92
CA MET D 90 -17.46 -2.73 -20.91
C MET D 90 -17.96 -2.36 -22.30
N TYR D 91 -17.05 -1.87 -23.14
CA TYR D 91 -17.39 -1.40 -24.48
C TYR D 91 -17.16 -2.51 -25.49
N PHE D 92 -18.14 -2.74 -26.35
CA PHE D 92 -18.10 -3.79 -27.36
C PHE D 92 -18.01 -3.17 -28.75
N CYS D 93 -17.24 -3.83 -29.63
CA CYS D 93 -17.11 -3.44 -31.03
C CYS D 93 -17.92 -4.44 -31.85
N ALA D 94 -19.02 -3.97 -32.44
CA ALA D 94 -19.92 -4.82 -33.19
C ALA D 94 -19.88 -4.48 -34.68
N PHE D 95 -20.37 -5.41 -35.50
CA PHE D 95 -20.19 -5.34 -36.93
C PHE D 95 -21.28 -6.14 -37.61
N MET D 96 -21.91 -5.58 -38.65
CA MET D 96 -22.93 -6.25 -39.42
C MET D 96 -22.57 -6.21 -40.90
N ASP D 97 -22.81 -7.33 -41.58
CA ASP D 97 -22.36 -7.53 -42.94
C ASP D 97 -23.58 -7.93 -43.79
N SER D 98 -23.28 -8.62 -44.87
CA SER D 98 -24.31 -9.07 -45.82
C SER D 98 -25.00 -10.29 -45.25
N ASN D 99 -24.54 -10.79 -44.11
CA ASN D 99 -25.25 -11.94 -43.50
C ASN D 99 -26.29 -11.42 -42.52
N TYR D 100 -26.30 -10.11 -42.29
CA TYR D 100 -27.27 -9.44 -41.41
C TYR D 100 -27.26 -10.01 -40.00
N GLN D 101 -26.08 -10.32 -39.47
CA GLN D 101 -26.00 -10.78 -38.07
C GLN D 101 -24.94 -9.92 -37.40
N LEU D 102 -25.23 -9.42 -36.21
CA LEU D 102 -24.26 -8.64 -35.45
C LEU D 102 -23.17 -9.57 -34.94
N ILE D 103 -21.97 -9.41 -35.48
CA ILE D 103 -20.80 -10.15 -35.03
C ILE D 103 -20.13 -9.32 -33.95
N TRP D 104 -20.01 -9.90 -32.76
CA TRP D 104 -19.50 -9.13 -31.59
C TRP D 104 -18.08 -9.50 -31.24
N GLY D 105 -17.34 -8.49 -30.82
CA GLY D 105 -15.97 -8.69 -30.35
C GLY D 105 -15.99 -9.14 -28.91
N ALA D 106 -14.85 -9.56 -28.38
CA ALA D 106 -14.80 -10.00 -26.97
C ALA D 106 -15.17 -8.86 -26.04
N GLY D 107 -14.76 -7.65 -26.37
CA GLY D 107 -15.12 -6.47 -25.59
C GLY D 107 -13.96 -6.07 -24.74
N THR D 108 -13.84 -4.78 -24.47
CA THR D 108 -12.76 -4.27 -23.62
C THR D 108 -13.44 -3.64 -22.41
N LYS D 109 -12.96 -4.03 -21.24
CA LYS D 109 -13.42 -3.51 -19.96
C LYS D 109 -12.64 -2.25 -19.63
N LEU D 110 -13.33 -1.11 -19.60
CA LEU D 110 -12.74 0.17 -19.29
C LEU D 110 -13.02 0.52 -17.83
N ILE D 111 -11.95 0.74 -17.07
CA ILE D 111 -12.01 1.13 -15.68
C ILE D 111 -11.51 2.57 -15.55
N ILE D 112 -12.02 3.28 -14.57
CA ILE D 112 -11.68 4.68 -14.33
C ILE D 112 -10.98 4.79 -12.99
N LYS D 113 -9.98 5.66 -12.93
CA LYS D 113 -9.26 5.96 -11.69
C LYS D 113 -9.65 7.36 -11.24
N PRO D 114 -10.22 7.56 -10.05
CA PRO D 114 -10.64 8.91 -9.64
C PRO D 114 -9.45 9.79 -9.30
N ASN D 115 -9.76 11.06 -9.03
CA ASN D 115 -8.77 12.06 -8.62
C ASN D 115 -9.04 12.42 -7.18
N ILE D 116 -8.22 11.90 -6.27
CA ILE D 116 -8.37 12.12 -4.84
C ILE D 116 -7.46 13.29 -4.47
N GLN D 117 -8.06 14.47 -4.34
CA GLN D 117 -7.33 15.66 -3.89
C GLN D 117 -7.37 15.72 -2.37
N ASN D 118 -6.18 15.81 -1.75
CA ASN D 118 -6.04 15.79 -0.31
C ASN D 118 -6.49 14.44 0.24
N PRO D 119 -5.75 13.37 -0.04
CA PRO D 119 -6.10 12.06 0.50
C PRO D 119 -5.51 11.77 1.87
N ASP D 120 -6.22 10.94 2.63
CA ASP D 120 -5.81 10.57 3.99
C ASP D 120 -5.97 9.07 4.21
N PRO D 121 -5.04 8.28 3.69
CA PRO D 121 -5.17 6.82 3.81
C PRO D 121 -5.33 6.39 5.26
N ALA D 122 -6.32 5.51 5.50
CA ALA D 122 -6.58 5.06 6.86
C ALA D 122 -7.28 3.71 6.83
N VAL D 123 -7.12 2.97 7.92
CA VAL D 123 -7.74 1.66 8.10
C VAL D 123 -8.43 1.66 9.45
N TYR D 124 -9.76 1.69 9.45
CA TYR D 124 -10.56 1.71 10.66
C TYR D 124 -11.20 0.36 10.90
N GLN D 125 -11.74 0.19 12.11
CA GLN D 125 -12.47 -1.01 12.49
C GLN D 125 -13.91 -0.66 12.83
N LEU D 126 -14.84 -1.47 12.32
CA LEU D 126 -16.26 -1.26 12.53
C LEU D 126 -16.86 -2.47 13.24
N ARG D 127 -17.67 -2.20 14.25
CA ARG D 127 -18.40 -3.25 14.96
C ARG D 127 -19.84 -3.34 14.43
N ASP D 128 -20.46 -4.48 14.68
CA ASP D 128 -21.82 -4.71 14.21
C ASP D 128 -22.82 -3.85 14.98
N SER D 129 -23.78 -3.29 14.26
CA SER D 129 -24.82 -2.49 14.88
C SER D 129 -25.80 -3.24 15.78
N LYS D 130 -26.22 -4.42 15.36
CA LYS D 130 -27.06 -5.25 16.20
C LYS D 130 -26.03 -6.06 16.98
N SER D 131 -26.50 -6.70 18.05
CA SER D 131 -25.61 -7.46 18.94
C SER D 131 -24.92 -8.63 18.26
N SER D 132 -23.59 -8.54 18.19
CA SER D 132 -22.79 -9.59 17.57
C SER D 132 -21.33 -9.49 17.98
N ASP D 133 -20.61 -10.61 17.93
CA ASP D 133 -19.17 -10.64 18.20
C ASP D 133 -18.33 -10.51 16.93
N LYS D 134 -18.89 -9.89 15.89
CA LYS D 134 -18.22 -9.75 14.59
C LYS D 134 -17.80 -8.31 14.37
N SER D 135 -16.91 -8.12 13.42
CA SER D 135 -16.38 -6.80 13.10
C SER D 135 -15.67 -6.87 11.75
N VAL D 136 -15.50 -5.71 11.12
CA VAL D 136 -14.87 -5.62 9.81
C VAL D 136 -13.83 -4.51 9.83
N CYS D 137 -12.91 -4.58 8.87
CA CYS D 137 -11.85 -3.59 8.69
C CYS D 137 -12.08 -2.85 7.38
N LEU D 138 -11.96 -1.53 7.43
CA LEU D 138 -12.27 -0.65 6.31
C LEU D 138 -11.04 0.17 5.94
N PHE D 139 -10.50 -0.06 4.75
CA PHE D 139 -9.39 0.70 4.21
C PHE D 139 -9.95 1.75 3.26
N THR D 140 -9.70 3.02 3.56
CA THR D 140 -10.36 4.10 2.82
C THR D 140 -9.46 5.32 2.75
N ASP D 141 -9.85 6.23 1.85
CA ASP D 141 -9.23 7.56 1.72
C ASP D 141 -7.79 7.47 1.20
N PHE D 142 -7.54 6.53 0.28
CA PHE D 142 -6.23 6.36 -0.31
C PHE D 142 -6.28 6.73 -1.80
N ASP D 143 -5.11 7.04 -2.34
CA ASP D 143 -5.00 7.46 -3.73
C ASP D 143 -5.24 6.28 -4.67
N SER D 144 -5.44 6.60 -5.95
CA SER D 144 -5.86 5.60 -6.92
C SER D 144 -4.74 4.66 -7.34
N GLN D 145 -3.48 5.02 -7.11
CA GLN D 145 -2.38 4.15 -7.52
C GLN D 145 -2.38 2.85 -6.73
N THR D 146 -2.94 2.86 -5.52
CA THR D 146 -2.92 1.68 -4.67
C THR D 146 -3.73 0.55 -5.28
N ASN D 147 -3.26 -0.68 -5.09
CA ASN D 147 -3.92 -1.88 -5.61
C ASN D 147 -4.12 -2.85 -4.47
N VAL D 148 -5.38 -3.19 -4.19
CA VAL D 148 -5.71 -4.13 -3.13
C VAL D 148 -5.72 -5.53 -3.71
N SER D 149 -5.10 -6.48 -2.98
CA SER D 149 -4.96 -7.85 -3.43
C SER D 149 -5.61 -8.80 -2.44
N GLN D 150 -6.16 -9.88 -2.96
CA GLN D 150 -6.70 -10.94 -2.11
C GLN D 150 -5.61 -11.47 -1.19
N SER D 151 -5.93 -11.62 0.08
CA SER D 151 -4.97 -12.13 1.04
C SER D 151 -4.73 -13.62 0.81
N LYS D 152 -3.50 -14.06 1.11
CA LYS D 152 -3.16 -15.46 0.91
C LYS D 152 -4.05 -16.38 1.73
N ASP D 153 -4.40 -15.97 2.94
CA ASP D 153 -5.27 -16.78 3.78
C ASP D 153 -6.65 -16.90 3.16
N SER D 154 -7.20 -18.11 3.18
CA SER D 154 -8.46 -18.38 2.49
C SER D 154 -9.64 -17.80 3.25
N ASP D 155 -9.65 -17.94 4.58
CA ASP D 155 -10.76 -17.48 5.40
C ASP D 155 -10.68 -15.99 5.72
N VAL D 156 -9.86 -15.23 4.99
CA VAL D 156 -9.74 -13.79 5.14
C VAL D 156 -10.23 -13.19 3.83
N TYR D 157 -11.47 -12.70 3.82
CA TYR D 157 -12.09 -12.19 2.62
C TYR D 157 -11.75 -10.72 2.42
N ILE D 158 -11.29 -10.38 1.22
CA ILE D 158 -11.03 -8.99 0.85
C ILE D 158 -11.79 -8.70 -0.45
N THR D 159 -12.27 -7.47 -0.57
CA THR D 159 -13.03 -7.03 -1.74
C THR D 159 -12.17 -6.12 -2.61
N ASP D 160 -12.61 -5.95 -3.84
CA ASP D 160 -11.94 -5.04 -4.77
C ASP D 160 -12.25 -3.60 -4.38
N LYS D 161 -11.28 -2.72 -4.64
CA LYS D 161 -11.45 -1.32 -4.28
C LYS D 161 -12.62 -0.72 -5.05
N CYS D 162 -13.27 0.27 -4.42
CA CYS D 162 -14.52 0.82 -4.94
C CYS D 162 -14.53 2.33 -4.73
N VAL D 163 -15.22 3.03 -5.63
CA VAL D 163 -15.29 4.49 -5.63
C VAL D 163 -16.71 4.91 -5.28
N LEU D 164 -16.83 5.87 -4.37
CA LEU D 164 -18.11 6.47 -4.03
C LEU D 164 -18.00 7.98 -4.17
N ASP D 165 -19.10 8.61 -4.60
CA ASP D 165 -19.14 10.03 -4.90
C ASP D 165 -20.23 10.69 -4.07
N MET D 166 -19.84 11.62 -3.20
CA MET D 166 -20.78 12.41 -2.42
C MET D 166 -21.08 13.68 -3.21
N ARG D 167 -22.18 13.67 -3.97
CA ARG D 167 -22.45 14.71 -4.95
C ARG D 167 -22.71 16.07 -4.31
N SER D 168 -23.08 16.12 -3.03
CA SER D 168 -23.34 17.38 -2.36
C SER D 168 -22.06 18.14 -2.03
N MET D 169 -20.89 17.48 -2.06
CA MET D 169 -19.64 18.11 -1.69
C MET D 169 -18.51 17.91 -2.69
N ASP D 170 -18.78 17.32 -3.85
CA ASP D 170 -17.75 17.07 -4.86
C ASP D 170 -16.57 16.29 -4.25
N PHE D 171 -16.86 15.41 -3.30
CA PHE D 171 -15.86 14.59 -2.65
C PHE D 171 -16.00 13.14 -3.11
N LYS D 172 -14.89 12.55 -3.54
CA LYS D 172 -14.86 11.17 -3.98
C LYS D 172 -13.92 10.37 -3.08
N SER D 173 -14.27 9.10 -2.84
CA SER D 173 -13.57 8.30 -1.87
C SER D 173 -13.41 6.87 -2.36
N ASN D 174 -12.20 6.32 -2.19
CA ASN D 174 -11.94 4.92 -2.44
C ASN D 174 -12.10 4.13 -1.14
N SER D 175 -12.45 2.85 -1.29
CA SER D 175 -12.72 2.02 -0.13
C SER D 175 -12.47 0.56 -0.46
N ALA D 176 -12.31 -0.25 0.59
CA ALA D 176 -12.14 -1.69 0.48
C ALA D 176 -12.37 -2.29 1.85
N VAL D 177 -13.07 -3.43 1.90
CA VAL D 177 -13.50 -4.06 3.14
C VAL D 177 -12.78 -5.40 3.28
N ALA D 178 -12.45 -5.76 4.52
CA ALA D 178 -11.87 -7.06 4.82
C ALA D 178 -12.50 -7.56 6.11
N TRP D 179 -12.91 -8.83 6.13
CA TRP D 179 -13.57 -9.38 7.31
C TRP D 179 -13.39 -10.89 7.40
N SER D 180 -13.29 -11.36 8.65
CA SER D 180 -13.24 -12.80 8.93
C SER D 180 -13.65 -12.92 10.43
N ASN D 181 -13.50 -14.12 10.99
CA ASN D 181 -13.88 -14.39 12.33
C ASN D 181 -12.80 -15.05 13.23
N LYS D 182 -11.63 -15.36 12.68
CA LYS D 182 -10.59 -16.01 13.46
C LYS D 182 -9.97 -15.04 14.45
N SER D 183 -9.60 -15.57 15.62
CA SER D 183 -8.98 -14.73 16.65
C SER D 183 -7.65 -14.16 16.17
N ASP D 184 -6.99 -14.84 15.24
CA ASP D 184 -5.69 -14.40 14.73
C ASP D 184 -5.79 -13.22 13.77
N PHE D 185 -6.99 -12.69 13.54
CA PHE D 185 -7.20 -11.63 12.56
C PHE D 185 -7.33 -10.29 13.28
N ALA D 186 -6.65 -9.27 12.75
CA ALA D 186 -6.74 -7.93 13.29
C ALA D 186 -6.46 -6.94 12.16
N CYS D 187 -7.15 -5.79 12.22
CA CYS D 187 -7.02 -4.80 11.15
C CYS D 187 -5.60 -4.28 11.02
N ALA D 188 -4.79 -4.37 12.08
CA ALA D 188 -3.42 -3.90 12.00
C ALA D 188 -2.66 -4.61 10.89
N ASN D 189 -2.95 -5.91 10.68
CA ASN D 189 -2.27 -6.72 9.67
C ASN D 189 -3.30 -7.53 8.88
N ALA D 190 -4.14 -6.82 8.12
CA ALA D 190 -5.13 -7.45 7.26
C ALA D 190 -4.84 -7.25 5.78
N PHE D 191 -4.31 -6.09 5.40
CA PHE D 191 -3.93 -5.80 4.02
C PHE D 191 -2.43 -5.93 3.80
N ASN D 192 -1.74 -6.70 4.65
CA ASN D 192 -0.30 -6.87 4.49
C ASN D 192 0.06 -7.57 3.19
N ASN D 193 -0.90 -8.26 2.56
CA ASN D 193 -0.69 -8.87 1.26
C ASN D 193 -0.75 -7.89 0.08
N SER D 194 -0.84 -6.59 0.37
CA SER D 194 -0.91 -5.58 -0.66
C SER D 194 -0.08 -4.36 -0.28
N ILE D 195 0.31 -3.58 -1.30
CA ILE D 195 1.17 -2.42 -1.09
C ILE D 195 0.28 -1.30 -0.53
N ILE D 196 0.40 -1.06 0.76
CA ILE D 196 -0.36 0.01 1.42
C ILE D 196 0.57 1.20 1.63
N PRO D 197 0.07 2.45 1.56
CA PRO D 197 0.94 3.59 1.81
C PRO D 197 1.62 3.51 3.17
N GLU D 198 2.74 4.21 3.30
CA GLU D 198 3.50 4.21 4.54
C GLU D 198 2.98 5.21 5.56
N ASP D 199 2.24 6.23 5.11
CA ASP D 199 1.59 7.18 6.02
C ASP D 199 0.17 6.77 6.37
N THR D 200 -0.19 5.50 6.15
CA THR D 200 -1.52 5.02 6.50
C THR D 200 -1.73 5.11 8.00
N PHE D 201 -2.84 5.71 8.40
CA PHE D 201 -3.15 5.90 9.82
C PHE D 201 -3.83 4.67 10.39
N PHE D 202 -3.25 4.14 11.47
CA PHE D 202 -3.84 3.00 12.19
C PHE D 202 -4.21 3.45 13.60
N PRO D 203 -5.50 3.51 13.95
CA PRO D 203 -5.86 3.95 15.30
C PRO D 203 -5.40 2.96 16.36
N SER D 204 -5.01 3.49 17.51
CA SER D 204 -4.54 2.67 18.63
C SER D 204 -5.65 2.42 19.62
N ASP E 2 -41.73 6.44 -24.88
CA ASP E 2 -40.41 6.32 -24.28
C ASP E 2 -40.17 4.92 -23.70
N ALA E 3 -41.21 4.09 -23.73
CA ALA E 3 -41.08 2.71 -23.25
C ALA E 3 -40.11 1.94 -24.14
N GLY E 4 -39.19 1.21 -23.52
CA GLY E 4 -38.20 0.45 -24.23
C GLY E 4 -38.60 -0.99 -24.42
N VAL E 5 -37.59 -1.84 -24.66
CA VAL E 5 -37.83 -3.26 -24.85
C VAL E 5 -38.15 -3.90 -23.51
N ILE E 6 -39.20 -4.71 -23.46
CA ILE E 6 -39.62 -5.39 -22.25
C ILE E 6 -39.14 -6.83 -22.30
N GLN E 7 -38.65 -7.33 -21.17
CA GLN E 7 -38.25 -8.72 -21.03
C GLN E 7 -38.81 -9.27 -19.72
N SER E 8 -39.23 -10.54 -19.76
CA SER E 8 -39.78 -11.18 -18.56
C SER E 8 -39.39 -12.66 -18.60
N PRO E 9 -38.86 -13.23 -17.51
CA PRO E 9 -38.55 -12.59 -16.23
C PRO E 9 -37.18 -11.93 -16.24
N ARG E 10 -36.87 -11.16 -15.19
CA ARG E 10 -35.56 -10.56 -15.02
C ARG E 10 -34.57 -11.51 -14.36
N HIS E 11 -35.07 -12.46 -13.57
CA HIS E 11 -34.26 -13.52 -12.99
C HIS E 11 -35.03 -14.83 -13.11
N GLU E 12 -34.28 -15.93 -13.21
CA GLU E 12 -34.89 -17.25 -13.32
C GLU E 12 -33.97 -18.26 -12.63
N VAL E 13 -34.55 -19.03 -11.70
CA VAL E 13 -33.80 -20.05 -10.97
C VAL E 13 -34.67 -21.30 -10.85
N THR E 14 -34.49 -22.24 -11.78
CA THR E 14 -35.22 -23.49 -11.80
C THR E 14 -34.25 -24.65 -11.62
N GLU E 15 -34.78 -25.86 -11.66
CA GLU E 15 -33.98 -27.07 -11.56
C GLU E 15 -33.69 -27.65 -12.94
N MET E 16 -32.63 -28.45 -12.99
CA MET E 16 -32.29 -29.17 -14.21
C MET E 16 -33.49 -29.99 -14.69
N GLY E 17 -33.78 -29.90 -16.00
CA GLY E 17 -34.83 -30.74 -16.64
C GLY E 17 -36.26 -30.22 -16.83
N GLN E 18 -36.52 -28.92 -16.74
CA GLN E 18 -37.91 -28.40 -16.80
C GLN E 18 -38.08 -27.35 -17.90
N GLU E 19 -39.30 -27.18 -18.43
CA GLU E 19 -39.59 -26.17 -19.43
C GLU E 19 -39.44 -24.78 -18.81
N VAL E 20 -38.63 -23.94 -19.45
CA VAL E 20 -38.45 -22.56 -19.03
C VAL E 20 -38.67 -21.67 -20.24
N THR E 21 -39.57 -20.71 -20.12
CA THR E 21 -39.97 -19.86 -21.23
C THR E 21 -39.57 -18.42 -20.93
N LEU E 22 -39.15 -17.71 -21.97
CA LEU E 22 -38.74 -16.31 -21.87
C LEU E 22 -39.62 -15.46 -22.79
N ARG E 23 -39.92 -14.25 -22.34
CA ARG E 23 -40.85 -13.36 -23.02
C ARG E 23 -40.18 -12.04 -23.34
N CYS E 24 -40.49 -11.51 -24.53
CA CYS E 24 -39.98 -10.23 -24.97
C CYS E 24 -41.09 -9.46 -25.68
N LYS E 25 -41.12 -8.15 -25.44
CA LYS E 25 -42.04 -7.25 -26.13
C LYS E 25 -41.23 -6.10 -26.70
N PRO E 26 -41.07 -6.01 -28.02
CA PRO E 26 -40.22 -4.97 -28.60
C PRO E 26 -40.90 -3.60 -28.57
N ILE E 27 -40.12 -2.58 -28.91
CA ILE E 27 -40.66 -1.23 -28.99
C ILE E 27 -41.80 -1.20 -29.99
N SER E 28 -42.83 -0.41 -29.67
CA SER E 28 -43.99 -0.32 -30.55
C SER E 28 -43.55 0.14 -31.94
N GLY E 29 -44.04 -0.56 -32.96
CA GLY E 29 -43.73 -0.23 -34.34
C GLY E 29 -42.49 -0.91 -34.88
N HIS E 30 -41.67 -1.53 -34.04
CA HIS E 30 -40.48 -2.21 -34.51
C HIS E 30 -40.85 -3.55 -35.13
N ASN E 31 -40.36 -3.77 -36.35
CA ASN E 31 -40.63 -5.02 -37.05
C ASN E 31 -39.53 -6.05 -36.85
N SER E 32 -38.30 -5.62 -36.56
CA SER E 32 -37.20 -6.55 -36.38
C SER E 32 -37.01 -6.85 -34.90
N LEU E 33 -36.79 -8.12 -34.59
CA LEU E 33 -36.59 -8.57 -33.21
C LEU E 33 -35.44 -9.57 -33.19
N PHE E 34 -34.56 -9.45 -32.21
CA PHE E 34 -33.37 -10.27 -32.11
C PHE E 34 -33.30 -10.96 -30.77
N TRP E 35 -32.90 -12.23 -30.78
CA TRP E 35 -32.62 -12.98 -29.57
C TRP E 35 -31.12 -13.20 -29.47
N TYR E 36 -30.51 -12.68 -28.40
CA TYR E 36 -29.09 -12.81 -28.16
C TYR E 36 -28.83 -13.59 -26.88
N ARG E 37 -27.63 -14.15 -26.79
CA ARG E 37 -27.16 -14.84 -25.60
C ARG E 37 -25.76 -14.36 -25.27
N GLN E 38 -25.59 -13.96 -24.00
CA GLN E 38 -24.26 -13.50 -23.53
C GLN E 38 -23.74 -14.52 -22.51
N THR E 39 -22.68 -15.24 -22.89
CA THR E 39 -21.99 -16.21 -21.99
C THR E 39 -20.87 -15.47 -21.25
N MET E 40 -20.31 -16.09 -20.21
CA MET E 40 -19.21 -15.47 -19.43
C MET E 40 -19.63 -14.06 -18.99
N MET E 41 -18.78 -13.06 -19.28
CA MET E 41 -19.08 -11.64 -18.93
C MET E 41 -18.77 -10.77 -20.15
N ARG E 42 -18.36 -11.38 -21.28
CA ARG E 42 -18.09 -10.56 -22.48
C ARG E 42 -18.40 -11.36 -23.74
N GLY E 43 -19.02 -10.72 -24.73
CA GLY E 43 -19.26 -11.36 -26.04
C GLY E 43 -20.71 -11.77 -26.06
N LEU E 44 -21.41 -11.44 -27.13
CA LEU E 44 -22.81 -11.81 -27.32
C LEU E 44 -22.77 -12.82 -28.45
N GLU E 45 -23.87 -13.55 -28.59
CA GLU E 45 -24.04 -14.55 -29.63
C GLU E 45 -25.47 -14.50 -30.12
N LEU E 46 -25.65 -14.37 -31.43
CA LEU E 46 -26.99 -14.27 -32.00
C LEU E 46 -27.63 -15.64 -32.09
N LEU E 47 -28.86 -15.73 -31.60
CA LEU E 47 -29.60 -17.00 -31.60
C LEU E 47 -30.55 -17.02 -32.79
N ILE E 48 -31.60 -16.23 -32.74
CA ILE E 48 -32.56 -16.18 -33.88
C ILE E 48 -33.00 -14.75 -34.11
N TYR E 49 -33.26 -14.42 -35.36
CA TYR E 49 -33.65 -13.08 -35.81
C TYR E 49 -35.03 -13.18 -36.43
N PHE E 50 -35.94 -12.30 -35.99
CA PHE E 50 -37.34 -12.32 -36.49
C PHE E 50 -37.67 -11.01 -37.19
N ASN E 51 -38.21 -11.12 -38.42
CA ASN E 51 -38.67 -9.90 -39.11
C ASN E 51 -40.13 -10.11 -39.47
N ASN E 52 -40.99 -9.20 -39.05
CA ASN E 52 -42.44 -9.28 -39.35
C ASN E 52 -42.99 -10.61 -38.89
N ASN E 53 -42.47 -11.13 -37.79
CA ASN E 53 -42.94 -12.38 -37.22
C ASN E 53 -42.52 -13.63 -37.99
N VAL E 54 -41.52 -13.52 -38.85
CA VAL E 54 -41.07 -14.63 -39.69
C VAL E 54 -39.63 -14.96 -39.30
N PRO E 55 -39.32 -16.23 -38.98
CA PRO E 55 -37.92 -16.57 -38.66
C PRO E 55 -37.01 -16.48 -39.87
N ILE E 56 -36.09 -15.53 -39.87
CA ILE E 56 -35.18 -15.32 -40.98
C ILE E 56 -33.91 -16.15 -40.80
N ASP E 57 -33.25 -16.02 -39.66
CA ASP E 57 -31.99 -16.71 -39.41
C ASP E 57 -32.01 -17.31 -38.02
N ASP E 58 -31.74 -18.62 -37.95
CA ASP E 58 -31.61 -19.32 -36.67
C ASP E 58 -30.40 -20.26 -36.68
N SER E 59 -29.44 -20.06 -37.59
CA SER E 59 -28.25 -20.90 -37.63
C SER E 59 -27.46 -20.81 -36.33
N GLY E 60 -27.61 -19.72 -35.57
CA GLY E 60 -26.96 -19.56 -34.30
C GLY E 60 -27.66 -20.18 -33.13
N MET E 61 -28.76 -20.89 -33.35
CA MET E 61 -29.46 -21.54 -32.24
C MET E 61 -28.93 -22.95 -32.03
N PRO E 62 -28.92 -23.46 -30.80
CA PRO E 62 -28.42 -24.79 -30.55
C PRO E 62 -29.29 -25.70 -31.41
N GLU E 63 -28.72 -26.83 -31.80
CA GLU E 63 -29.44 -27.73 -32.70
C GLU E 63 -30.73 -28.18 -32.03
N ASP E 64 -30.68 -28.41 -30.73
CA ASP E 64 -31.94 -28.95 -30.16
C ASP E 64 -32.16 -28.48 -28.72
N ARG E 65 -33.42 -28.51 -28.33
CA ARG E 65 -33.87 -28.18 -26.95
C ARG E 65 -34.22 -26.71 -26.83
N PHE E 66 -33.94 -25.93 -27.86
CA PHE E 66 -34.15 -24.47 -27.85
C PHE E 66 -35.14 -24.14 -28.96
N SER E 67 -36.19 -23.41 -28.64
CA SER E 67 -37.21 -23.07 -29.65
C SER E 67 -37.62 -21.62 -29.49
N ALA E 68 -38.00 -20.96 -30.58
CA ALA E 68 -38.41 -19.57 -30.52
C ALA E 68 -39.60 -19.34 -31.44
N LYS E 69 -40.52 -18.47 -31.00
CA LYS E 69 -41.73 -18.16 -31.75
C LYS E 69 -42.16 -16.72 -31.53
N MET E 70 -42.81 -16.15 -32.54
CA MET E 70 -43.31 -14.78 -32.47
C MET E 70 -44.72 -14.70 -33.04
N PRO E 71 -45.75 -14.91 -32.21
CA PRO E 71 -47.13 -14.89 -32.72
C PRO E 71 -47.52 -13.57 -33.38
N ASN E 72 -47.56 -12.50 -32.61
CA ASN E 72 -47.92 -11.18 -33.09
C ASN E 72 -46.68 -10.28 -33.08
N ALA E 73 -46.89 -9.02 -33.45
CA ALA E 73 -45.80 -8.06 -33.57
C ALA E 73 -45.34 -7.50 -32.23
N SER E 74 -45.93 -7.94 -31.11
CA SER E 74 -45.59 -7.40 -29.79
C SER E 74 -45.42 -8.50 -28.76
N PHE E 75 -44.98 -9.68 -29.17
CA PHE E 75 -44.75 -10.77 -28.24
C PHE E 75 -43.87 -11.82 -28.92
N SER E 76 -42.73 -12.11 -28.30
CA SER E 76 -41.82 -13.15 -28.78
C SER E 76 -41.45 -14.04 -27.61
N THR E 77 -41.47 -15.36 -27.83
CA THR E 77 -41.23 -16.34 -26.77
C THR E 77 -40.04 -17.22 -27.14
N LEU E 78 -39.24 -17.57 -26.14
CA LEU E 78 -38.06 -18.42 -26.30
C LEU E 78 -38.14 -19.52 -25.24
N LYS E 79 -38.48 -20.73 -25.68
CA LYS E 79 -38.67 -21.85 -24.78
C LYS E 79 -37.47 -22.79 -24.82
N ILE E 80 -37.03 -23.22 -23.64
CA ILE E 80 -36.03 -24.25 -23.49
C ILE E 80 -36.69 -25.43 -22.78
N GLN E 81 -36.56 -26.62 -23.37
CA GLN E 81 -37.13 -27.83 -22.80
C GLN E 81 -36.35 -29.05 -23.29
N PRO E 82 -35.71 -29.82 -22.40
CA PRO E 82 -35.55 -29.65 -20.95
C PRO E 82 -34.32 -28.85 -20.52
N SER E 83 -34.52 -27.79 -19.75
CA SER E 83 -33.40 -26.99 -19.28
C SER E 83 -32.28 -27.84 -18.70
N GLU E 84 -31.05 -27.44 -18.96
CA GLU E 84 -29.87 -28.12 -18.43
C GLU E 84 -28.89 -27.08 -17.91
N PRO E 85 -27.96 -27.48 -17.04
CA PRO E 85 -27.08 -26.49 -16.39
C PRO E 85 -26.22 -25.71 -17.36
N ARG E 86 -25.83 -26.29 -18.50
CA ARG E 86 -24.96 -25.59 -19.42
C ARG E 86 -25.67 -24.51 -20.22
N ASP E 87 -26.95 -24.25 -19.94
CA ASP E 87 -27.69 -23.18 -20.58
C ASP E 87 -27.66 -21.88 -19.78
N SER E 88 -27.08 -21.89 -18.59
CA SER E 88 -27.04 -20.68 -17.76
C SER E 88 -26.25 -19.51 -18.31
N ALA E 89 -26.97 -18.46 -18.70
CA ALA E 89 -26.35 -17.25 -19.24
C ALA E 89 -27.34 -16.11 -19.21
N VAL E 90 -26.96 -14.95 -19.75
CA VAL E 90 -27.85 -13.79 -19.83
C VAL E 90 -28.45 -13.71 -21.23
N TYR E 91 -29.76 -13.90 -21.32
CA TYR E 91 -30.45 -13.90 -22.60
C TYR E 91 -31.05 -12.51 -22.86
N PHE E 92 -30.59 -11.87 -23.92
CA PHE E 92 -31.01 -10.53 -24.28
C PHE E 92 -32.01 -10.56 -25.43
N CYS E 93 -32.82 -9.51 -25.51
CA CYS E 93 -33.75 -9.30 -26.60
C CYS E 93 -33.59 -7.89 -27.13
N ALA E 94 -33.55 -7.74 -28.44
CA ALA E 94 -33.42 -6.44 -29.08
C ALA E 94 -34.48 -6.29 -30.15
N SER E 95 -34.58 -5.08 -30.70
CA SER E 95 -35.53 -4.81 -31.76
C SER E 95 -35.06 -3.61 -32.56
N SER E 96 -35.47 -3.55 -33.83
CA SER E 96 -35.18 -2.41 -34.68
C SER E 96 -36.39 -2.10 -35.54
N ARG E 97 -36.45 -0.83 -35.98
CA ARG E 97 -37.62 -0.28 -36.65
C ARG E 97 -38.14 -1.11 -37.83
N THR E 98 -37.25 -1.45 -38.76
CA THR E 98 -37.66 -2.17 -39.97
C THR E 98 -36.53 -3.06 -40.43
N SER E 99 -35.43 -2.46 -40.87
CA SER E 99 -34.32 -3.22 -41.43
C SER E 99 -33.36 -3.64 -40.32
N PRO E 100 -32.75 -4.84 -40.42
CA PRO E 100 -31.79 -5.25 -39.39
C PRO E 100 -30.55 -4.39 -39.33
N THR E 101 -30.29 -3.63 -40.38
CA THR E 101 -29.11 -2.72 -40.38
C THR E 101 -29.36 -1.57 -39.38
N ASP E 102 -30.63 -1.21 -39.18
CA ASP E 102 -31.03 -0.09 -38.28
C ASP E 102 -30.56 -0.37 -36.85
N THR E 103 -30.13 0.66 -36.13
CA THR E 103 -29.62 0.44 -34.78
C THR E 103 -30.56 -0.49 -34.02
N GLN E 104 -29.96 -1.31 -33.17
CA GLN E 104 -30.72 -2.26 -32.35
C GLN E 104 -30.81 -1.73 -30.94
N TYR E 105 -32.03 -1.60 -30.44
CA TYR E 105 -32.28 -1.21 -29.05
C TYR E 105 -32.51 -2.47 -28.22
N PHE E 106 -31.74 -2.61 -27.15
CA PHE E 106 -31.71 -3.84 -26.36
C PHE E 106 -32.65 -3.75 -25.17
N GLY E 107 -33.00 -4.93 -24.65
CA GLY E 107 -33.74 -5.03 -23.41
C GLY E 107 -32.78 -5.13 -22.24
N PRO E 108 -33.32 -5.17 -21.02
CA PRO E 108 -32.45 -5.24 -19.84
C PRO E 108 -31.80 -6.60 -19.63
N GLY E 109 -32.33 -7.65 -20.23
CA GLY E 109 -31.74 -8.97 -20.14
C GLY E 109 -32.44 -9.85 -19.11
N THR E 110 -32.17 -11.16 -19.22
CA THR E 110 -32.74 -12.15 -18.32
C THR E 110 -31.62 -13.02 -17.77
N ARG E 111 -31.43 -12.97 -16.45
CA ARG E 111 -30.46 -13.84 -15.79
C ARG E 111 -31.06 -15.23 -15.59
N LEU E 112 -30.36 -16.26 -16.06
CA LEU E 112 -30.82 -17.63 -15.98
C LEU E 112 -29.78 -18.48 -15.27
N THR E 113 -30.20 -19.17 -14.21
CA THR E 113 -29.34 -20.09 -13.48
C THR E 113 -30.05 -21.43 -13.37
N VAL E 114 -29.47 -22.46 -13.98
CA VAL E 114 -30.01 -23.81 -13.95
C VAL E 114 -29.04 -24.68 -13.16
N LEU E 115 -29.51 -25.23 -12.05
CA LEU E 115 -28.71 -26.04 -11.16
C LEU E 115 -29.08 -27.51 -11.29
N GLU E 116 -28.18 -28.38 -10.84
CA GLU E 116 -28.46 -29.81 -10.84
C GLU E 116 -29.40 -30.20 -9.71
N ASP E 117 -29.39 -29.45 -8.61
CA ASP E 117 -30.27 -29.72 -7.50
C ASP E 117 -30.36 -28.46 -6.64
N LEU E 118 -31.53 -28.24 -6.05
CA LEU E 118 -31.79 -27.05 -5.25
C LEU E 118 -31.31 -27.18 -3.82
N LYS E 119 -30.46 -28.16 -3.52
CA LYS E 119 -30.07 -28.40 -2.13
C LYS E 119 -29.18 -27.29 -1.58
N ASN E 120 -28.35 -26.68 -2.43
CA ASN E 120 -27.38 -25.67 -1.98
C ASN E 120 -27.83 -24.25 -2.31
N VAL E 121 -29.13 -23.98 -2.21
CA VAL E 121 -29.67 -22.64 -2.41
C VAL E 121 -29.94 -22.03 -1.05
N PHE E 122 -29.25 -20.94 -0.73
CA PHE E 122 -29.38 -20.30 0.56
C PHE E 122 -29.61 -18.80 0.40
N PRO E 123 -30.49 -18.20 1.19
CA PRO E 123 -30.67 -16.75 1.12
C PRO E 123 -29.49 -16.04 1.78
N PRO E 124 -29.43 -14.72 1.66
CA PRO E 124 -28.32 -13.96 2.27
C PRO E 124 -28.62 -13.56 3.70
N GLU E 125 -27.56 -13.54 4.51
CA GLU E 125 -27.61 -13.00 5.86
C GLU E 125 -27.01 -11.60 5.82
N VAL E 126 -27.84 -10.59 6.05
CA VAL E 126 -27.45 -9.20 5.91
C VAL E 126 -27.19 -8.62 7.28
N ALA E 127 -26.11 -7.84 7.41
CA ALA E 127 -25.77 -7.19 8.65
C ALA E 127 -25.20 -5.81 8.35
N VAL E 128 -25.59 -4.83 9.16
CA VAL E 128 -25.08 -3.47 9.08
C VAL E 128 -23.92 -3.32 10.05
N PHE E 129 -23.00 -2.42 9.70
CA PHE E 129 -21.83 -2.13 10.52
C PHE E 129 -21.72 -0.62 10.67
N GLU E 130 -21.78 -0.14 11.91
CA GLU E 130 -21.78 1.27 12.21
C GLU E 130 -20.39 1.86 12.00
N PRO E 131 -20.30 3.18 11.85
CA PRO E 131 -18.98 3.81 11.63
C PRO E 131 -18.07 3.64 12.83
N SER E 132 -16.81 4.01 12.63
CA SER E 132 -15.83 4.07 13.70
C SER E 132 -15.66 5.51 14.16
N GLU E 133 -15.57 5.71 15.47
CA GLU E 133 -15.43 7.06 16.00
C GLU E 133 -14.10 7.68 15.58
N ALA E 134 -13.10 6.86 15.28
CA ALA E 134 -11.82 7.39 14.80
C ALA E 134 -11.99 8.08 13.45
N GLU E 135 -12.72 7.44 12.53
CA GLU E 135 -12.98 8.06 11.24
C GLU E 135 -13.76 9.36 11.41
N ILE E 136 -14.51 9.50 12.50
CA ILE E 136 -15.25 10.74 12.74
C ILE E 136 -14.30 11.82 13.25
N SER E 137 -13.47 11.49 14.23
CA SER E 137 -12.53 12.46 14.79
C SER E 137 -11.33 12.71 13.88
N HIS E 138 -11.25 12.04 12.73
CA HIS E 138 -10.15 12.20 11.79
C HIS E 138 -10.58 12.77 10.45
N THR E 139 -11.71 12.29 9.91
CA THR E 139 -12.19 12.71 8.61
C THR E 139 -13.37 13.67 8.69
N GLN E 140 -14.08 13.71 9.81
CA GLN E 140 -15.33 14.44 9.93
C GLN E 140 -16.45 13.80 9.10
N LYS E 141 -16.28 12.53 8.74
CA LYS E 141 -17.27 11.79 7.96
C LYS E 141 -17.42 10.41 8.57
N ALA E 142 -18.56 9.79 8.30
CA ALA E 142 -18.91 8.47 8.82
C ALA E 142 -19.24 7.53 7.67
N THR E 143 -18.99 6.24 7.88
CA THR E 143 -19.15 5.23 6.84
C THR E 143 -19.87 4.02 7.40
N LEU E 144 -21.13 3.83 6.99
CA LEU E 144 -21.84 2.59 7.24
C LEU E 144 -21.38 1.54 6.23
N VAL E 145 -21.26 0.29 6.69
CA VAL E 145 -20.84 -0.81 5.83
C VAL E 145 -21.84 -1.95 5.96
N CYS E 146 -22.48 -2.30 4.84
CA CYS E 146 -23.42 -3.41 4.81
C CYS E 146 -22.74 -4.65 4.25
N LEU E 147 -23.09 -5.80 4.82
CA LEU E 147 -22.45 -7.07 4.45
C LEU E 147 -23.53 -8.14 4.33
N ALA E 148 -23.74 -8.65 3.12
CA ALA E 148 -24.68 -9.73 2.85
C ALA E 148 -23.87 -10.98 2.53
N THR E 149 -23.95 -11.97 3.41
CA THR E 149 -23.06 -13.13 3.35
C THR E 149 -23.84 -14.42 3.17
N GLY E 150 -23.18 -15.40 2.56
CA GLY E 150 -23.68 -16.76 2.52
C GLY E 150 -24.96 -16.95 1.75
N PHE E 151 -24.93 -16.67 0.43
CA PHE E 151 -26.08 -16.88 -0.43
C PHE E 151 -25.62 -17.54 -1.72
N TYR E 152 -26.54 -18.27 -2.34
CA TYR E 152 -26.27 -18.99 -3.57
C TYR E 152 -27.56 -19.22 -4.34
N PRO E 153 -27.62 -18.91 -5.65
CA PRO E 153 -26.58 -18.32 -6.50
C PRO E 153 -26.42 -16.82 -6.28
N ASP E 154 -25.73 -16.13 -7.19
CA ASP E 154 -25.37 -14.72 -7.00
C ASP E 154 -26.42 -13.68 -7.34
N HIS E 155 -27.69 -14.08 -7.52
CA HIS E 155 -28.75 -13.14 -7.84
C HIS E 155 -29.17 -12.26 -6.66
N VAL E 156 -28.66 -11.03 -6.62
CA VAL E 156 -28.93 -10.12 -5.51
C VAL E 156 -28.94 -8.69 -6.03
N GLU E 157 -29.73 -7.83 -5.37
CA GLU E 157 -29.76 -6.41 -5.64
C GLU E 157 -29.72 -5.67 -4.31
N LEU E 158 -28.59 -5.01 -4.03
CA LEU E 158 -28.38 -4.33 -2.76
C LEU E 158 -28.75 -2.85 -2.90
N SER E 159 -29.61 -2.38 -2.00
CA SER E 159 -30.06 -0.99 -2.01
C SER E 159 -29.89 -0.39 -0.62
N TRP E 160 -29.62 0.91 -0.59
CA TRP E 160 -29.51 1.67 0.65
C TRP E 160 -30.72 2.59 0.78
N TRP E 161 -31.32 2.60 1.97
CA TRP E 161 -32.49 3.41 2.24
C TRP E 161 -32.24 4.25 3.48
N VAL E 162 -32.34 5.56 3.35
CA VAL E 162 -32.14 6.51 4.44
C VAL E 162 -33.45 7.23 4.65
N ASN E 163 -34.11 6.95 5.79
CA ASN E 163 -35.36 7.59 6.15
C ASN E 163 -36.46 7.28 5.13
N GLY E 164 -36.46 6.04 4.65
CA GLY E 164 -37.53 5.57 3.78
C GLY E 164 -37.37 5.91 2.31
N LYS E 165 -36.25 6.51 1.91
CA LYS E 165 -35.99 6.84 0.52
C LYS E 165 -34.70 6.18 0.07
N GLU E 166 -34.76 5.45 -1.04
CA GLU E 166 -33.55 4.86 -1.60
C GLU E 166 -32.57 5.95 -2.00
N VAL E 167 -31.30 5.79 -1.62
CA VAL E 167 -30.28 6.78 -1.89
C VAL E 167 -29.24 6.16 -2.81
N HIS E 168 -28.70 6.98 -3.71
CA HIS E 168 -27.61 6.57 -4.59
C HIS E 168 -26.38 7.45 -4.44
N SER E 169 -26.46 8.55 -3.69
CA SER E 169 -25.30 9.40 -3.46
C SER E 169 -24.48 8.87 -2.30
N GLY E 170 -23.15 8.95 -2.45
CA GLY E 170 -22.27 8.43 -1.42
C GLY E 170 -22.40 6.94 -1.18
N VAL E 171 -22.90 6.20 -2.16
CA VAL E 171 -23.07 4.77 -2.06
C VAL E 171 -22.12 4.08 -3.04
N CYS E 172 -21.61 2.92 -2.63
CA CYS E 172 -20.82 2.07 -3.49
C CYS E 172 -21.17 0.62 -3.21
N THR E 173 -21.38 -0.17 -4.26
CA THR E 173 -21.61 -1.60 -4.14
C THR E 173 -20.63 -2.33 -5.04
N ASP E 174 -20.15 -3.47 -4.57
CA ASP E 174 -19.19 -4.24 -5.36
C ASP E 174 -19.80 -4.62 -6.70
N PRO E 175 -19.02 -4.61 -7.79
CA PRO E 175 -19.61 -4.93 -9.10
C PRO E 175 -19.90 -6.40 -9.30
N GLN E 176 -19.38 -7.28 -8.44
CA GLN E 176 -19.62 -8.71 -8.56
C GLN E 176 -19.30 -9.35 -7.22
N PRO E 177 -20.11 -10.30 -6.74
CA PRO E 177 -19.79 -10.97 -5.47
C PRO E 177 -18.49 -11.75 -5.54
N LEU E 178 -18.02 -12.17 -4.37
CA LEU E 178 -16.82 -12.99 -4.25
C LEU E 178 -17.16 -14.27 -3.52
N LYS E 179 -16.51 -15.36 -3.92
CA LYS E 179 -16.78 -16.65 -3.31
C LYS E 179 -16.19 -16.72 -1.91
N GLU E 180 -16.96 -17.26 -0.97
CA GLU E 180 -16.45 -17.48 0.37
C GLU E 180 -15.37 -18.56 0.37
N GLN E 181 -15.42 -19.49 -0.58
CA GLN E 181 -14.41 -20.54 -0.72
C GLN E 181 -14.04 -20.67 -2.19
N PRO E 182 -13.12 -19.84 -2.68
CA PRO E 182 -12.86 -19.82 -4.14
C PRO E 182 -12.59 -21.19 -4.75
N ALA E 183 -11.89 -22.06 -4.04
CA ALA E 183 -11.53 -23.38 -4.58
C ALA E 183 -12.67 -24.34 -4.26
N LEU E 184 -13.81 -24.09 -4.89
CA LEU E 184 -14.97 -24.96 -4.76
C LEU E 184 -15.89 -24.73 -5.94
N ASN E 185 -16.39 -25.82 -6.53
CA ASN E 185 -17.33 -25.72 -7.64
C ASN E 185 -18.53 -24.87 -7.26
N ASP E 186 -19.26 -25.28 -6.23
CA ASP E 186 -20.39 -24.52 -5.71
C ASP E 186 -20.03 -24.00 -4.33
N SER E 187 -20.08 -22.67 -4.17
CA SER E 187 -19.73 -22.04 -2.91
C SER E 187 -20.56 -20.77 -2.77
N ARG E 188 -21.09 -20.54 -1.57
CA ARG E 188 -21.89 -19.35 -1.34
C ARG E 188 -21.07 -18.09 -1.66
N TYR E 189 -21.79 -16.99 -1.84
CA TYR E 189 -21.20 -15.71 -2.21
C TYR E 189 -21.32 -14.72 -1.07
N ALA E 190 -20.59 -13.61 -1.20
CA ALA E 190 -20.65 -12.51 -0.26
C ALA E 190 -20.61 -11.20 -1.03
N LEU E 191 -21.30 -10.19 -0.51
CA LEU E 191 -21.40 -8.89 -1.17
C LEU E 191 -21.35 -7.80 -0.11
N SER E 192 -20.51 -6.79 -0.34
CA SER E 192 -20.33 -5.68 0.58
C SER E 192 -20.73 -4.38 -0.09
N SER E 193 -21.27 -3.45 0.71
CA SER E 193 -21.62 -2.13 0.23
C SER E 193 -21.23 -1.11 1.29
N ARG E 194 -21.07 0.14 0.84
CA ARG E 194 -20.63 1.22 1.71
C ARG E 194 -21.45 2.47 1.44
N LEU E 195 -21.91 3.10 2.53
CA LEU E 195 -22.67 4.34 2.46
C LEU E 195 -21.99 5.36 3.35
N ARG E 196 -21.48 6.43 2.77
CA ARG E 196 -20.78 7.47 3.52
C ARG E 196 -21.68 8.69 3.69
N VAL E 197 -21.74 9.20 4.93
CA VAL E 197 -22.51 10.38 5.26
C VAL E 197 -21.63 11.30 6.12
N SER E 198 -22.14 12.49 6.38
CA SER E 198 -21.42 13.42 7.24
C SER E 198 -21.53 13.01 8.69
N ALA E 199 -20.49 13.31 9.47
CA ALA E 199 -20.48 12.94 10.88
C ALA E 199 -21.68 13.51 11.61
N THR E 200 -21.98 14.78 11.37
CA THR E 200 -23.14 15.40 12.02
C THR E 200 -24.45 14.72 11.62
N PHE E 201 -24.50 14.16 10.41
CA PHE E 201 -25.71 13.48 9.97
C PHE E 201 -25.88 12.14 10.67
N TRP E 202 -24.81 11.35 10.76
CA TRP E 202 -24.89 10.07 11.45
C TRP E 202 -25.22 10.26 12.93
N GLN E 203 -24.64 11.28 13.55
CA GLN E 203 -24.84 11.53 14.98
C GLN E 203 -26.23 12.09 15.28
N ASP E 204 -27.10 12.23 14.29
CA ASP E 204 -28.46 12.68 14.51
C ASP E 204 -29.32 11.46 14.83
N PRO E 205 -29.83 11.31 16.05
CA PRO E 205 -30.57 10.08 16.41
C PRO E 205 -31.92 9.96 15.71
N ARG E 206 -32.29 10.94 14.90
CA ARG E 206 -33.59 10.85 14.19
C ARG E 206 -33.41 10.22 12.80
N ASN E 207 -32.18 10.17 12.31
CA ASN E 207 -31.90 9.52 11.04
C ASN E 207 -31.77 8.01 11.22
N HIS E 208 -32.40 7.28 10.31
CA HIS E 208 -32.46 5.82 10.37
C HIS E 208 -31.92 5.24 9.08
N PHE E 209 -30.83 4.48 9.19
CA PHE E 209 -30.16 3.90 8.03
C PHE E 209 -30.57 2.44 7.89
N ARG E 210 -30.87 2.02 6.66
CA ARG E 210 -31.35 0.67 6.40
C ARG E 210 -30.68 0.12 5.16
N CYS E 211 -30.18 -1.11 5.26
CA CYS E 211 -29.59 -1.82 4.13
C CYS E 211 -30.54 -2.93 3.71
N GLN E 212 -30.84 -3.00 2.41
CA GLN E 212 -31.80 -3.94 1.86
C GLN E 212 -31.11 -4.80 0.81
N VAL E 213 -31.50 -6.06 0.74
CA VAL E 213 -30.93 -7.01 -0.21
C VAL E 213 -32.07 -7.81 -0.81
N GLN E 214 -32.34 -7.60 -2.10
CA GLN E 214 -33.34 -8.36 -2.84
C GLN E 214 -32.69 -9.63 -3.38
N PHE E 215 -33.25 -10.77 -3.00
CA PHE E 215 -32.72 -12.08 -3.38
C PHE E 215 -33.74 -12.83 -4.22
N TYR E 216 -33.29 -13.41 -5.32
CA TYR E 216 -34.15 -14.20 -6.21
C TYR E 216 -33.81 -15.67 -6.05
N GLY E 217 -34.84 -16.49 -5.82
CA GLY E 217 -34.64 -17.91 -5.60
C GLY E 217 -35.82 -18.70 -6.10
N LEU E 218 -36.40 -19.54 -5.22
CA LEU E 218 -37.46 -20.45 -5.60
C LEU E 218 -38.83 -19.80 -5.57
N SER E 219 -39.88 -20.59 -5.77
CA SER E 219 -41.25 -20.10 -5.76
C SER E 219 -42.18 -21.27 -5.49
N GLU E 220 -43.49 -21.03 -5.61
CA GLU E 220 -44.48 -22.04 -5.25
C GLU E 220 -44.24 -23.34 -6.00
N ASN E 221 -44.08 -23.27 -7.32
CA ASN E 221 -43.97 -24.48 -8.13
C ASN E 221 -42.82 -25.37 -7.67
N ASP E 222 -41.65 -24.77 -7.44
CA ASP E 222 -40.49 -25.53 -6.97
C ASP E 222 -40.77 -26.08 -5.57
N GLU E 223 -40.72 -27.40 -5.44
CA GLU E 223 -41.00 -28.05 -4.16
C GLU E 223 -39.73 -28.17 -3.33
N TRP E 224 -39.92 -28.29 -2.02
CA TRP E 224 -38.82 -28.26 -1.06
C TRP E 224 -39.08 -29.19 0.11
N THR E 225 -38.09 -30.04 0.44
CA THR E 225 -38.21 -31.00 1.54
C THR E 225 -36.90 -31.04 2.33
N GLN E 226 -36.72 -30.04 3.20
CA GLN E 226 -35.60 -30.00 4.11
C GLN E 226 -36.00 -29.23 5.36
N ASP E 227 -35.21 -29.40 6.42
CA ASP E 227 -35.51 -28.73 7.69
C ASP E 227 -35.39 -27.21 7.57
N ARG E 228 -34.51 -26.73 6.69
CA ARG E 228 -34.36 -25.31 6.49
C ARG E 228 -35.67 -24.69 6.01
N ALA E 229 -35.71 -23.36 6.05
CA ALA E 229 -36.83 -22.62 5.47
C ALA E 229 -36.67 -22.57 3.96
N LYS E 230 -37.79 -22.70 3.26
CA LYS E 230 -37.77 -22.68 1.81
C LYS E 230 -37.01 -21.41 1.43
N PRO E 231 -35.97 -21.49 0.59
CA PRO E 231 -35.21 -20.27 0.25
C PRO E 231 -35.85 -19.66 -0.98
N VAL E 232 -36.94 -18.92 -0.79
CA VAL E 232 -37.68 -18.32 -1.89
C VAL E 232 -37.19 -16.90 -2.13
N THR E 233 -37.58 -16.32 -3.25
CA THR E 233 -37.31 -14.92 -3.52
C THR E 233 -37.84 -14.06 -2.37
N GLN E 234 -36.97 -13.24 -1.80
CA GLN E 234 -37.32 -12.48 -0.61
C GLN E 234 -36.36 -11.32 -0.45
N ILE E 235 -36.82 -10.32 0.32
CA ILE E 235 -35.99 -9.19 0.71
C ILE E 235 -35.49 -9.44 2.12
N VAL E 236 -34.18 -9.25 2.32
CA VAL E 236 -33.56 -9.38 3.63
C VAL E 236 -32.81 -8.08 3.92
N SER E 237 -33.11 -7.46 5.06
CA SER E 237 -32.58 -6.15 5.37
C SER E 237 -32.07 -6.11 6.81
N ALA E 238 -31.31 -5.07 7.11
CA ALA E 238 -30.80 -4.83 8.45
C ALA E 238 -30.64 -3.32 8.62
N GLU E 239 -31.03 -2.81 9.79
CA GLU E 239 -31.11 -1.37 10.01
C GLU E 239 -30.26 -0.95 11.20
N ALA E 240 -30.19 0.36 11.40
CA ALA E 240 -29.45 0.94 12.51
C ALA E 240 -29.81 2.42 12.57
N TRP E 241 -30.01 2.93 13.78
CA TRP E 241 -30.28 4.35 13.98
C TRP E 241 -28.97 5.09 14.16
N GLY E 242 -29.04 6.42 14.01
CA GLY E 242 -27.93 7.26 14.38
C GLY E 242 -27.75 7.31 15.88
N ARG E 243 -26.58 7.76 16.31
CA ARG E 243 -26.27 7.82 17.73
C ARG E 243 -25.06 8.71 17.95
N ALA E 244 -25.09 9.49 19.04
CA ALA E 244 -23.95 10.32 19.39
C ALA E 244 -22.89 9.51 20.13
N ASP E 245 -23.30 8.68 21.08
CA ASP E 245 -22.37 7.82 21.81
C ASP E 245 -22.05 6.56 21.03
#